data_5CCZ
#
_entry.id   5CCZ
#
_cell.length_a   81.511
_cell.length_b   81.511
_cell.length_c   227.029
_cell.angle_alpha   90.00
_cell.angle_beta   90.00
_cell.angle_gamma   90.00
#
_symmetry.space_group_name_H-M   'P 43 21 2'
#
loop_
_entity.id
_entity.type
_entity.pdbx_description
1 polymer 'Malate synthase G'
2 non-polymer 3-(4-fluorophenyl)-4-methyl-1H-pyrazol-5-amine
3 non-polymer 'MAGNESIUM ION'
4 water water
#
_entity_poly.entity_id   1
_entity_poly.type   'polypeptide(L)'
_entity_poly.pdbx_seq_one_letter_code
;MTDRVSVGNLRIARVLYDFVNNEALPGTDIDPDSFWAGVDKVVADLTPQNQALLNARDELQAQIDKWHRRRVIEPIDMDA
YRQFLTEIGYLLPEPDDFTITTSGVDAEITTTAGPQLVVPVLNARFALNAANARWGSLYDALYGTDVIPETDGAEKGPTY
NKVRGDKVIAYARKFLDDSVPLSSGSFGDATGFTVQDGQLVVALPDKSTGLANPGQFAGYTGAAESPTSVLLINHGLHIE
ILIDPESQVGTTDRAGVKDVILESAITTIMDFEDSVAAVDAADKVLGYRNWLGLNKGDLAAAVDKDGTAFLRVLNRDRNY
TAPGGGQFTLPGRSLMFVRNVGHLMTNDAIVDTDGSEVFEGIMDALFTGLIAIHGLKASDVNGPLINSRTGSIYIVKPKM
HGPAEVAFTCELFSRVEDVLGLPQNTMKIGIMDEERRTTVNLKACIKAAADRVVFINTGFLDRTGDEIHTSMEAGPMVRK
GTMKSQPWILAYEDHNVDAGLAAGFSGRAQVGKGMWTMTELMADMVETKIAQPRAGASTAWVPSPTAATLHALHYHQVDV
AAVQQGLAGKRRATIEQLLTIPLAKELAWAPDEIREEVDNNCQSILGYVVRWVDQGVGASKVPDIHDVALMEDRATLRIS
SQLLANWLRHGVITSADVRASLERMAPLVDRQNAGDVAYRPMAPNFDDSIAFLAAQELILSGAQQPNGYTEPILHRRRRE
FKARAAEKPAPSDRAGDDAAR
;
_entity_poly.pdbx_strand_id   A
#
# COMPACT_ATOMS: atom_id res chain seq x y z
N THR A 2 26.85 12.55 -24.60
CA THR A 2 26.00 11.75 -23.74
C THR A 2 25.15 10.81 -24.60
N ASP A 3 24.27 10.03 -23.97
CA ASP A 3 23.38 9.15 -24.73
C ASP A 3 21.91 9.50 -24.52
N ARG A 4 21.52 10.64 -25.08
CA ARG A 4 20.15 11.14 -24.98
C ARG A 4 19.55 11.53 -26.33
N VAL A 5 18.22 11.50 -26.41
CA VAL A 5 17.51 11.97 -27.60
C VAL A 5 16.91 13.35 -27.35
N SER A 6 17.32 14.36 -28.13
CA SER A 6 16.79 15.72 -27.96
C SER A 6 15.41 15.90 -28.56
N VAL A 7 14.47 16.29 -27.72
CA VAL A 7 13.14 16.63 -28.17
C VAL A 7 12.75 17.91 -27.44
N GLY A 8 12.58 18.99 -28.20
CA GLY A 8 12.31 20.28 -27.58
C GLY A 8 13.41 20.62 -26.60
N ASN A 9 13.03 20.91 -25.37
CA ASN A 9 14.02 21.20 -24.37
C ASN A 9 14.47 19.95 -23.60
N LEU A 10 13.88 18.80 -23.95
CA LEU A 10 14.17 17.53 -23.29
C LEU A 10 15.35 16.78 -23.88
N ARG A 11 16.16 16.20 -23.01
CA ARG A 11 17.18 15.22 -23.36
C ARG A 11 16.83 13.88 -22.72
N ILE A 12 16.07 13.06 -23.44
CA ILE A 12 15.54 11.80 -22.95
C ILE A 12 16.56 10.69 -22.99
N ALA A 13 16.74 9.99 -21.87
CA ALA A 13 17.65 8.84 -21.84
C ALA A 13 17.25 7.82 -22.90
N ARG A 14 18.24 7.33 -23.65
CA ARG A 14 17.94 6.49 -24.82
C ARG A 14 17.08 5.29 -24.44
N VAL A 15 17.45 4.61 -23.35
CA VAL A 15 16.69 3.42 -22.92
C VAL A 15 15.21 3.75 -22.71
N LEU A 16 14.94 4.92 -22.13
CA LEU A 16 13.55 5.34 -21.91
C LEU A 16 12.86 5.62 -23.23
N TYR A 17 13.53 6.42 -24.07
CA TYR A 17 12.99 6.80 -25.38
C TYR A 17 12.65 5.55 -26.19
N ASP A 18 13.56 4.58 -26.21
CA ASP A 18 13.33 3.34 -26.97
C ASP A 18 12.18 2.53 -26.42
N PHE A 19 12.12 2.44 -25.09
CA PHE A 19 11.03 1.72 -24.44
C PHE A 19 9.66 2.31 -24.77
N VAL A 20 9.53 3.63 -24.64
CA VAL A 20 8.24 4.26 -24.97
C VAL A 20 7.85 4.05 -26.44
N ASN A 21 8.79 4.28 -27.35
CA ASN A 21 8.50 4.12 -28.77
C ASN A 21 8.26 2.67 -29.18
N ASN A 22 9.10 1.75 -28.72
CA ASN A 22 8.99 0.38 -29.22
C ASN A 22 8.05 -0.53 -28.42
N GLU A 23 7.74 -0.16 -27.18
CA GLU A 23 6.95 -1.02 -26.30
C GLU A 23 5.66 -0.36 -25.82
N ALA A 24 5.76 0.85 -25.29
CA ALA A 24 4.58 1.51 -24.69
C ALA A 24 3.59 2.05 -25.72
N LEU A 25 4.09 2.85 -26.66
CA LEU A 25 3.24 3.50 -27.66
C LEU A 25 2.43 2.60 -28.62
N PRO A 26 3.04 1.57 -29.23
CA PRO A 26 2.31 0.78 -30.24
C PRO A 26 1.02 0.18 -29.72
N GLY A 27 -0.11 0.63 -30.27
CA GLY A 27 -1.39 0.12 -29.86
C GLY A 27 -2.27 1.13 -29.18
N THR A 28 -1.72 2.31 -28.93
CA THR A 28 -2.44 3.34 -28.19
C THR A 28 -3.00 4.36 -29.16
N ASP A 29 -2.55 4.27 -30.41
CA ASP A 29 -2.93 5.18 -31.48
C ASP A 29 -2.57 6.62 -31.15
N ILE A 30 -1.54 6.78 -30.33
CA ILE A 30 -0.96 8.07 -30.11
C ILE A 30 0.26 8.18 -30.99
N ASP A 31 0.34 9.26 -31.77
CA ASP A 31 1.49 9.44 -32.62
C ASP A 31 2.73 9.84 -31.81
N PRO A 32 3.81 9.07 -31.97
CA PRO A 32 5.08 9.19 -31.22
C PRO A 32 5.61 10.63 -31.11
N ASP A 33 5.77 11.31 -32.25
CA ASP A 33 6.25 12.69 -32.23
C ASP A 33 5.31 13.62 -31.45
N SER A 34 4.01 13.41 -31.58
CA SER A 34 3.04 14.20 -30.82
C SER A 34 3.17 13.93 -29.32
N PHE A 35 3.29 12.67 -28.96
CA PHE A 35 3.46 12.29 -27.57
C PHE A 35 4.65 13.03 -26.97
N TRP A 36 5.80 12.96 -27.64
CA TRP A 36 7.02 13.56 -27.11
C TRP A 36 6.97 15.08 -27.05
N ALA A 37 6.20 15.70 -27.94
CA ALA A 37 6.01 17.13 -27.86
C ALA A 37 5.07 17.43 -26.69
N GLY A 38 4.11 16.53 -26.47
CA GLY A 38 3.22 16.62 -25.32
C GLY A 38 4.00 16.64 -24.02
N VAL A 39 4.97 15.73 -23.91
CA VAL A 39 5.86 15.66 -22.77
C VAL A 39 6.68 16.93 -22.54
N ASP A 40 7.30 17.42 -23.61
CA ASP A 40 8.07 18.67 -23.60
C ASP A 40 7.20 19.81 -23.07
N LYS A 41 5.97 19.89 -23.57
CA LYS A 41 5.00 20.93 -23.23
C LYS A 41 4.58 20.84 -21.76
N VAL A 42 4.03 19.69 -21.37
CA VAL A 42 3.62 19.44 -19.99
C VAL A 42 4.72 19.70 -19.00
N VAL A 43 5.91 19.15 -19.26
CA VAL A 43 7.04 19.42 -18.37
C VAL A 43 7.43 20.88 -18.28
N ALA A 44 7.44 21.59 -19.41
CA ALA A 44 7.79 23.00 -19.37
C ALA A 44 6.72 23.78 -18.59
N ASP A 45 5.46 23.42 -18.80
CA ASP A 45 4.33 24.13 -18.22
C ASP A 45 4.10 23.89 -16.71
N LEU A 46 4.35 22.68 -16.24
CA LEU A 46 4.02 22.37 -14.84
C LEU A 46 5.23 22.44 -13.90
N THR A 47 6.44 22.33 -14.43
CA THR A 47 7.64 22.42 -13.59
C THR A 47 7.71 23.61 -12.61
N PRO A 48 7.43 24.85 -13.10
CA PRO A 48 7.50 26.01 -12.19
C PRO A 48 6.57 25.91 -10.97
N GLN A 49 5.33 25.49 -11.20
CA GLN A 49 4.39 25.29 -10.11
C GLN A 49 4.86 24.15 -9.18
N ASN A 50 5.28 23.03 -9.75
CA ASN A 50 5.91 21.95 -8.96
C ASN A 50 7.00 22.49 -8.04
N GLN A 51 7.87 23.33 -8.62
CA GLN A 51 8.91 23.99 -7.84
C GLN A 51 8.39 24.98 -6.77
N ALA A 52 7.41 25.79 -7.12
CA ALA A 52 6.81 26.72 -6.16
C ALA A 52 6.22 26.00 -4.93
N LEU A 53 5.59 24.85 -5.15
CA LEU A 53 5.01 24.07 -4.07
C LEU A 53 6.08 23.52 -3.15
N LEU A 54 7.16 23.01 -3.73
CA LEU A 54 8.27 22.53 -2.91
C LEU A 54 8.87 23.68 -2.09
N ASN A 55 8.94 24.86 -2.70
CA ASN A 55 9.43 26.05 -2.00
C ASN A 55 8.47 26.48 -0.89
N ALA A 56 7.17 26.38 -1.14
CA ALA A 56 6.18 26.64 -0.09
C ALA A 56 6.41 25.78 1.15
N ARG A 57 6.77 24.51 0.96
CA ARG A 57 7.02 23.60 2.09
C ARG A 57 8.16 24.13 2.94
N ASP A 58 9.26 24.48 2.28
CA ASP A 58 10.44 24.95 3.01
C ASP A 58 10.16 26.24 3.79
N GLU A 59 9.43 27.16 3.16
CA GLU A 59 9.08 28.44 3.76
C GLU A 59 8.19 28.26 5.01
N LEU A 60 7.18 27.40 4.91
CA LEU A 60 6.36 27.07 6.08
C LEU A 60 7.19 26.47 7.22
N GLN A 61 7.97 25.44 6.90
CA GLN A 61 8.80 24.77 7.90
C GLN A 61 9.81 25.71 8.53
N ALA A 62 10.39 26.61 7.72
CA ALA A 62 11.31 27.60 8.25
C ALA A 62 10.60 28.47 9.28
N GLN A 63 9.34 28.81 9.02
CA GLN A 63 8.60 29.66 9.96
C GLN A 63 8.27 28.95 11.27
N ILE A 64 7.78 27.71 11.16
CA ILE A 64 7.46 26.89 12.33
C ILE A 64 8.70 26.66 13.18
N ASP A 65 9.82 26.41 12.50
CA ASP A 65 11.09 26.21 13.20
C ASP A 65 11.41 27.40 14.09
N LYS A 66 11.35 28.59 13.52
CA LYS A 66 11.66 29.82 14.24
C LYS A 66 10.69 30.04 15.38
N TRP A 67 9.41 29.79 15.10
CA TRP A 67 8.36 29.93 16.10
C TRP A 67 8.68 29.13 17.36
N HIS A 68 8.96 27.84 17.20
CA HIS A 68 9.33 27.01 18.36
C HIS A 68 10.61 27.49 19.07
N ARG A 69 11.61 27.93 18.31
CA ARG A 69 12.87 28.38 18.93
C ARG A 69 12.65 29.57 19.85
N ARG A 70 11.67 30.42 19.50
CA ARG A 70 11.39 31.59 20.31
C ARG A 70 10.53 31.31 21.54
N ARG A 71 10.15 30.04 21.75
CA ARG A 71 9.44 29.60 22.95
C ARG A 71 9.84 28.19 23.38
N PRO A 75 5.64 25.07 27.94
CA PRO A 75 4.27 24.55 27.82
C PRO A 75 3.46 25.31 26.77
N ILE A 76 3.44 24.77 25.55
CA ILE A 76 2.85 25.41 24.36
C ILE A 76 1.48 26.04 24.60
N ASP A 77 1.33 27.27 24.13
CA ASP A 77 0.04 27.94 24.09
C ASP A 77 -0.60 27.54 22.77
N MET A 78 -1.65 26.72 22.86
CA MET A 78 -2.29 26.15 21.69
C MET A 78 -3.13 27.14 20.88
N ASP A 79 -3.72 28.12 21.55
CA ASP A 79 -4.46 29.15 20.81
C ASP A 79 -3.49 29.97 19.97
N ALA A 80 -2.33 30.29 20.54
CA ALA A 80 -1.35 31.06 19.76
C ALA A 80 -0.73 30.20 18.66
N TYR A 81 -0.42 28.95 18.99
CA TYR A 81 0.11 28.00 18.02
C TYR A 81 -0.81 27.89 16.81
N ARG A 82 -2.08 27.65 17.10
CA ARG A 82 -3.10 27.56 16.06
C ARG A 82 -3.26 28.82 15.23
N GLN A 83 -3.27 29.98 15.90
CA GLN A 83 -3.45 31.24 15.20
C GLN A 83 -2.28 31.54 14.30
N PHE A 84 -1.12 31.09 14.73
CA PHE A 84 0.08 31.25 13.94
C PHE A 84 -0.02 30.39 12.66
N LEU A 85 -0.51 29.15 12.79
CA LEU A 85 -0.61 28.26 11.63
C LEU A 85 -1.62 28.79 10.61
N THR A 86 -2.69 29.40 11.11
CA THR A 86 -3.65 30.06 10.26
C THR A 86 -3.01 31.27 9.57
N GLU A 87 -2.22 32.02 10.33
CA GLU A 87 -1.60 33.21 9.78
C GLU A 87 -0.66 32.92 8.61
N ILE A 88 0.15 31.87 8.75
CA ILE A 88 1.13 31.56 7.71
C ILE A 88 0.54 30.77 6.53
N GLY A 89 -0.73 30.39 6.65
CA GLY A 89 -1.41 29.71 5.55
C GLY A 89 -1.20 28.21 5.57
N TYR A 90 -0.82 27.70 6.74
CA TYR A 90 -0.62 26.28 6.95
C TYR A 90 -1.98 25.64 7.28
N LEU A 91 -2.70 26.26 8.21
CA LEU A 91 -4.10 25.90 8.48
C LEU A 91 -5.01 26.75 7.63
N LEU A 92 -5.71 26.12 6.71
CA LEU A 92 -6.61 26.84 5.83
C LEU A 92 -8.03 26.67 6.36
N PRO A 93 -8.96 27.53 5.92
CA PRO A 93 -10.34 27.38 6.37
C PRO A 93 -10.99 26.10 5.82
N GLU A 94 -11.96 25.58 6.55
CA GLU A 94 -12.63 24.35 6.16
C GLU A 94 -13.79 24.69 5.24
N PRO A 95 -13.85 24.04 4.06
CA PRO A 95 -14.92 24.28 3.09
C PRO A 95 -16.26 23.82 3.65
N ASP A 96 -17.35 24.27 3.06
CA ASP A 96 -18.69 23.79 3.43
C ASP A 96 -18.83 22.31 3.07
N ASP A 97 -19.86 21.66 3.60
CA ASP A 97 -20.17 20.27 3.29
C ASP A 97 -20.39 20.02 1.78
N PHE A 98 -19.87 18.90 1.28
CA PHE A 98 -20.02 18.53 -0.14
C PHE A 98 -19.91 17.01 -0.32
N THR A 99 -20.24 16.54 -1.51
CA THR A 99 -20.19 15.12 -1.84
C THR A 99 -19.34 14.95 -3.09
N ILE A 100 -18.45 13.97 -3.08
CA ILE A 100 -17.64 13.73 -4.26
C ILE A 100 -18.53 13.32 -5.44
N THR A 101 -18.10 13.69 -6.64
CA THR A 101 -18.84 13.37 -7.86
C THR A 101 -18.06 12.44 -8.81
N THR A 102 -16.99 11.85 -8.32
CA THR A 102 -16.19 10.91 -9.12
C THR A 102 -17.03 9.82 -9.76
N SER A 103 -16.87 9.64 -11.07
CA SER A 103 -17.63 8.60 -11.78
C SER A 103 -16.75 7.68 -12.64
N GLY A 104 -17.40 6.66 -13.22
CA GLY A 104 -16.70 5.69 -14.03
C GLY A 104 -15.73 4.85 -13.22
N VAL A 105 -16.11 4.54 -11.99
CA VAL A 105 -15.26 3.81 -11.06
C VAL A 105 -15.71 2.35 -10.95
N ASP A 106 -14.75 1.42 -10.94
CA ASP A 106 -15.06 -0.01 -10.84
C ASP A 106 -15.80 -0.36 -9.53
N ALA A 107 -16.59 -1.42 -9.56
CA ALA A 107 -17.31 -1.87 -8.37
C ALA A 107 -16.39 -2.37 -7.25
N GLU A 108 -15.17 -2.78 -7.59
CA GLU A 108 -14.23 -3.21 -6.56
C GLU A 108 -14.01 -2.08 -5.56
N ILE A 109 -14.14 -0.84 -6.04
CA ILE A 109 -13.80 0.34 -5.28
C ILE A 109 -14.99 1.02 -4.64
N THR A 110 -16.08 1.14 -5.40
CA THR A 110 -17.24 1.87 -4.92
C THR A 110 -17.99 1.07 -3.88
N THR A 111 -18.10 -0.23 -4.10
CA THR A 111 -19.05 -1.03 -3.36
C THR A 111 -18.43 -2.08 -2.42
N THR A 112 -17.39 -2.77 -2.87
CA THR A 112 -16.83 -3.90 -2.14
C THR A 112 -15.86 -3.49 -1.06
N ALA A 113 -16.04 -4.01 0.14
CA ALA A 113 -15.03 -3.82 1.16
C ALA A 113 -14.17 -5.07 1.26
N GLY A 114 -12.86 -4.90 1.30
CA GLY A 114 -11.97 -6.05 1.45
C GLY A 114 -10.52 -5.67 1.42
N PRO A 115 -9.64 -6.66 1.58
CA PRO A 115 -8.18 -6.45 1.60
C PRO A 115 -7.63 -5.74 0.35
N GLN A 116 -6.51 -5.04 0.54
CA GLN A 116 -5.76 -4.44 -0.55
C GLN A 116 -4.28 -4.70 -0.38
N LEU A 117 -3.69 -5.28 -1.41
CA LEU A 117 -2.28 -5.62 -1.42
C LEU A 117 -1.42 -4.47 -1.95
N VAL A 118 -0.17 -4.37 -1.49
CA VAL A 118 0.81 -3.46 -2.08
C VAL A 118 2.07 -4.27 -2.40
N VAL A 119 2.68 -4.02 -3.56
CA VAL A 119 3.81 -4.84 -4.02
C VAL A 119 4.80 -4.03 -4.87
N PRO A 120 6.11 -4.31 -4.76
CA PRO A 120 7.07 -3.57 -5.59
C PRO A 120 6.88 -3.88 -7.08
N VAL A 121 6.63 -2.86 -7.92
CA VAL A 121 6.38 -3.12 -9.32
C VAL A 121 7.63 -3.69 -10.01
N LEU A 122 8.81 -3.41 -9.46
CA LEU A 122 10.05 -3.91 -10.03
C LEU A 122 10.21 -5.42 -9.92
N ASN A 123 9.39 -6.03 -9.08
CA ASN A 123 9.48 -7.48 -8.89
C ASN A 123 8.35 -8.23 -9.58
N ALA A 124 8.63 -8.74 -10.76
CA ALA A 124 7.57 -9.24 -11.62
C ALA A 124 6.83 -10.45 -11.03
N ARG A 125 7.57 -11.31 -10.32
CA ARG A 125 6.96 -12.50 -9.73
C ARG A 125 6.07 -12.11 -8.55
N PHE A 126 6.55 -11.20 -7.72
CA PHE A 126 5.70 -10.67 -6.65
C PHE A 126 4.48 -10.00 -7.27
N ALA A 127 4.73 -9.19 -8.30
CA ALA A 127 3.65 -8.48 -8.98
C ALA A 127 2.64 -9.43 -9.60
N LEU A 128 3.16 -10.54 -10.13
CA LEU A 128 2.34 -11.57 -10.72
C LEU A 128 1.43 -12.22 -9.68
N ASN A 129 2.04 -12.65 -8.58
CA ASN A 129 1.31 -13.28 -7.48
C ASN A 129 0.24 -12.38 -6.92
N ALA A 130 0.58 -11.10 -6.74
CA ALA A 130 -0.38 -10.14 -6.22
C ALA A 130 -1.60 -10.07 -7.12
N ALA A 131 -1.39 -9.97 -8.43
CA ALA A 131 -2.52 -9.89 -9.35
C ALA A 131 -3.44 -11.12 -9.28
N ASN A 132 -2.85 -12.30 -9.15
CA ASN A 132 -3.59 -13.56 -9.02
C ASN A 132 -4.19 -13.79 -7.62
N ALA A 133 -3.83 -12.94 -6.67
CA ALA A 133 -4.25 -13.13 -5.29
C ALA A 133 -5.69 -12.67 -5.00
N ARG A 134 -6.44 -12.35 -6.05
CA ARG A 134 -7.85 -12.03 -5.93
C ARG A 134 -8.60 -13.26 -5.38
N TRP A 135 -8.07 -14.44 -5.67
CA TRP A 135 -8.66 -15.67 -5.16
C TRP A 135 -7.56 -16.43 -4.49
N GLY A 136 -7.81 -16.84 -3.25
CA GLY A 136 -6.81 -17.56 -2.51
C GLY A 136 -7.44 -18.64 -1.64
N SER A 137 -6.73 -19.74 -1.53
CA SER A 137 -7.16 -20.89 -0.73
C SER A 137 -7.02 -20.64 0.77
N LEU A 138 -8.14 -20.71 1.48
CA LEU A 138 -8.15 -20.60 2.93
C LEU A 138 -7.41 -21.76 3.61
N TYR A 139 -7.49 -22.96 3.03
CA TYR A 139 -6.79 -24.10 3.59
C TYR A 139 -5.29 -23.88 3.61
N ASP A 140 -4.74 -23.50 2.46
CA ASP A 140 -3.32 -23.15 2.37
C ASP A 140 -2.94 -22.06 3.36
N ALA A 141 -3.78 -21.05 3.48
CA ALA A 141 -3.50 -19.93 4.37
C ALA A 141 -3.44 -20.38 5.84
N LEU A 142 -4.39 -21.21 6.25
CA LEU A 142 -4.47 -21.72 7.63
C LEU A 142 -3.38 -22.74 7.94
N TYR A 143 -3.22 -23.73 7.07
CA TYR A 143 -2.21 -24.75 7.26
C TYR A 143 -0.80 -24.18 7.27
N GLY A 144 -0.54 -23.25 6.35
CA GLY A 144 0.81 -22.74 6.17
C GLY A 144 1.24 -21.68 7.18
N THR A 145 0.30 -21.17 7.96
CA THR A 145 0.67 -20.13 8.93
C THR A 145 0.41 -20.57 10.36
N ASP A 146 0.69 -19.68 11.32
CA ASP A 146 0.51 -19.97 12.73
C ASP A 146 -0.92 -19.69 13.21
N VAL A 147 -1.84 -19.45 12.30
CA VAL A 147 -3.23 -19.26 12.70
C VAL A 147 -3.74 -20.53 13.38
N ILE A 148 -3.33 -21.68 12.87
CA ILE A 148 -3.60 -22.94 13.56
C ILE A 148 -2.37 -23.25 14.38
N PRO A 149 -2.50 -23.34 15.71
CA PRO A 149 -1.33 -23.60 16.53
C PRO A 149 -0.75 -24.98 16.22
N GLU A 150 0.57 -25.14 16.35
CA GLU A 150 1.21 -26.41 16.05
C GLU A 150 1.20 -27.38 17.24
N THR A 151 0.59 -26.94 18.33
CA THR A 151 0.74 -27.62 19.62
C THR A 151 0.43 -29.13 19.66
N ASP A 152 -0.85 -29.48 19.55
CA ASP A 152 -1.30 -30.83 19.90
C ASP A 152 -1.15 -31.86 18.78
N GLY A 153 0.10 -32.15 18.42
CA GLY A 153 0.39 -33.03 17.30
C GLY A 153 -0.05 -32.42 15.98
N ALA A 154 -0.23 -31.10 15.96
CA ALA A 154 -0.65 -30.41 14.75
C ALA A 154 0.53 -29.66 14.13
N GLU A 155 1.75 -30.12 14.42
CA GLU A 155 2.96 -29.45 13.94
C GLU A 155 3.17 -29.63 12.45
N LYS A 156 3.91 -28.69 11.87
CA LYS A 156 4.24 -28.78 10.46
C LYS A 156 5.50 -29.61 10.31
N GLY A 157 5.61 -30.33 9.20
CA GLY A 157 6.77 -31.14 8.91
C GLY A 157 6.96 -31.21 7.41
N PRO A 158 7.98 -31.97 6.96
CA PRO A 158 8.30 -32.06 5.54
C PRO A 158 7.14 -32.67 4.75
N THR A 159 6.27 -33.41 5.44
CA THR A 159 5.09 -34.02 4.83
C THR A 159 3.80 -33.55 5.51
N TYR A 160 2.69 -33.73 4.81
CA TYR A 160 1.37 -33.32 5.30
C TYR A 160 0.99 -33.99 6.61
N ASN A 161 0.56 -33.17 7.57
CA ASN A 161 0.08 -33.61 8.87
C ASN A 161 -1.44 -33.66 8.86
N LYS A 162 -1.98 -34.87 8.91
CA LYS A 162 -3.41 -35.07 8.88
C LYS A 162 -4.12 -34.44 10.08
N VAL A 163 -3.46 -34.44 11.25
CA VAL A 163 -4.08 -33.82 12.44
C VAL A 163 -4.20 -32.30 12.27
N ARG A 164 -3.18 -31.69 11.69
CA ARG A 164 -3.22 -30.27 11.38
C ARG A 164 -4.33 -30.01 10.35
N GLY A 165 -4.38 -30.86 9.33
CA GLY A 165 -5.37 -30.72 8.27
C GLY A 165 -6.79 -30.71 8.80
N ASP A 166 -7.06 -31.53 9.79
CA ASP A 166 -8.40 -31.61 10.34
C ASP A 166 -8.76 -30.31 11.07
N LYS A 167 -7.77 -29.72 11.71
CA LYS A 167 -7.99 -28.45 12.40
C LYS A 167 -8.26 -27.34 11.39
N VAL A 168 -7.50 -27.34 10.29
CA VAL A 168 -7.77 -26.44 9.18
C VAL A 168 -9.21 -26.59 8.71
N ILE A 169 -9.60 -27.84 8.42
CA ILE A 169 -10.96 -28.12 7.98
C ILE A 169 -12.02 -27.61 8.95
N ALA A 170 -11.84 -27.91 10.23
CA ALA A 170 -12.79 -27.47 11.25
C ALA A 170 -12.86 -25.93 11.33
N TYR A 171 -11.71 -25.28 11.16
CA TYR A 171 -11.66 -23.83 11.19
C TYR A 171 -12.50 -23.28 10.01
N ALA A 172 -12.31 -23.85 8.82
CA ALA A 172 -13.08 -23.43 7.64
C ALA A 172 -14.58 -23.69 7.77
N ARG A 173 -14.95 -24.86 8.29
CA ARG A 173 -16.36 -25.18 8.54
C ARG A 173 -17.02 -24.14 9.44
N LYS A 174 -16.37 -23.79 10.54
CA LYS A 174 -16.88 -22.76 11.43
C LYS A 174 -16.98 -21.37 10.76
N PHE A 175 -15.99 -21.03 9.95
CA PHE A 175 -16.06 -19.82 9.14
C PHE A 175 -17.35 -19.79 8.29
N LEU A 176 -17.63 -20.89 7.61
CA LEU A 176 -18.87 -21.01 6.82
C LEU A 176 -20.13 -20.80 7.65
N ASP A 177 -20.21 -21.45 8.80
CA ASP A 177 -21.33 -21.26 9.71
C ASP A 177 -21.55 -19.79 10.10
N ASP A 178 -20.46 -19.08 10.39
CA ASP A 178 -20.56 -17.67 10.79
C ASP A 178 -20.89 -16.75 9.62
N SER A 179 -20.43 -17.10 8.42
CA SER A 179 -20.59 -16.23 7.26
C SER A 179 -21.82 -16.50 6.39
N VAL A 180 -22.09 -17.77 6.11
CA VAL A 180 -23.25 -18.17 5.31
C VAL A 180 -24.09 -19.18 6.11
N PRO A 181 -24.80 -18.70 7.15
CA PRO A 181 -25.53 -19.60 8.06
C PRO A 181 -26.55 -20.49 7.35
N LEU A 182 -26.60 -21.77 7.71
CA LEU A 182 -27.68 -22.67 7.29
C LEU A 182 -28.87 -22.39 8.19
N SER A 183 -30.09 -22.58 7.69
CA SER A 183 -31.28 -22.31 8.51
C SER A 183 -31.41 -23.25 9.72
N SER A 184 -30.81 -24.43 9.63
CA SER A 184 -30.61 -25.27 10.80
C SER A 184 -29.43 -26.24 10.58
N GLY A 185 -28.68 -26.53 11.65
CA GLY A 185 -27.52 -27.37 11.54
C GLY A 185 -26.27 -26.61 11.11
N SER A 186 -25.14 -27.28 11.14
CA SER A 186 -23.85 -26.66 10.82
C SER A 186 -23.20 -27.27 9.59
N PHE A 187 -22.36 -26.48 8.90
CA PHE A 187 -21.59 -26.99 7.76
C PHE A 187 -20.66 -28.12 8.18
N GLY A 188 -20.33 -28.18 9.47
CA GLY A 188 -19.48 -29.24 9.98
C GLY A 188 -20.04 -30.63 9.76
N ASP A 189 -21.38 -30.74 9.77
CA ASP A 189 -22.07 -32.02 9.61
C ASP A 189 -22.61 -32.25 8.20
N ALA A 190 -22.19 -31.43 7.25
CA ALA A 190 -22.66 -31.53 5.89
C ALA A 190 -22.21 -32.85 5.26
N THR A 191 -23.08 -33.46 4.47
CA THR A 191 -22.75 -34.71 3.77
C THR A 191 -22.65 -34.50 2.26
N GLY A 192 -23.30 -33.46 1.74
CA GLY A 192 -23.22 -33.14 0.33
C GLY A 192 -24.03 -31.89 -0.03
N PHE A 193 -23.86 -31.43 -1.26
CA PHE A 193 -24.55 -30.24 -1.74
C PHE A 193 -25.23 -30.50 -3.09
N THR A 194 -26.48 -30.05 -3.22
CA THR A 194 -27.18 -30.10 -4.51
C THR A 194 -27.91 -28.80 -4.80
N VAL A 195 -27.90 -28.39 -6.06
CA VAL A 195 -28.67 -27.25 -6.53
C VAL A 195 -30.05 -27.71 -6.99
N GLN A 196 -31.07 -27.30 -6.24
CA GLN A 196 -32.43 -27.70 -6.47
C GLN A 196 -33.27 -26.46 -6.69
N ASP A 197 -33.75 -26.26 -7.92
CA ASP A 197 -34.60 -25.10 -8.24
C ASP A 197 -33.91 -23.76 -8.02
N GLY A 198 -32.69 -23.61 -8.55
CA GLY A 198 -31.93 -22.39 -8.39
C GLY A 198 -31.61 -22.04 -6.94
N GLN A 199 -31.78 -23.02 -6.06
CA GLN A 199 -31.50 -22.88 -4.64
C GLN A 199 -30.36 -23.83 -4.29
N LEU A 200 -29.49 -23.44 -3.37
CA LEU A 200 -28.51 -24.38 -2.84
C LEU A 200 -29.19 -25.23 -1.77
N VAL A 201 -28.96 -26.54 -1.80
CA VAL A 201 -29.52 -27.43 -0.80
C VAL A 201 -28.42 -28.28 -0.15
N VAL A 202 -28.36 -28.23 1.18
CA VAL A 202 -27.27 -28.87 1.90
C VAL A 202 -27.76 -30.12 2.65
N ALA A 203 -27.16 -31.26 2.34
CA ALA A 203 -27.55 -32.51 2.99
C ALA A 203 -26.88 -32.68 4.35
N LEU A 204 -27.70 -32.95 5.36
CA LEU A 204 -27.21 -33.23 6.71
C LEU A 204 -27.36 -34.74 6.98
N PRO A 205 -26.97 -35.21 8.18
CA PRO A 205 -27.14 -36.67 8.32
C PRO A 205 -28.60 -37.05 8.50
N ASP A 206 -29.36 -36.21 9.19
CA ASP A 206 -30.73 -36.56 9.54
C ASP A 206 -31.78 -35.75 8.77
N LYS A 207 -31.31 -34.82 7.94
CA LYS A 207 -32.22 -33.98 7.15
C LYS A 207 -31.53 -33.27 5.99
N SER A 208 -32.23 -32.30 5.44
CA SER A 208 -31.64 -31.42 4.43
C SER A 208 -32.12 -30.00 4.68
N THR A 209 -31.24 -29.02 4.41
CA THR A 209 -31.53 -27.61 4.64
C THR A 209 -31.00 -26.70 3.53
N GLY A 210 -31.55 -25.49 3.45
CA GLY A 210 -31.03 -24.46 2.58
C GLY A 210 -30.37 -23.39 3.43
N LEU A 211 -29.87 -22.35 2.77
CA LEU A 211 -29.24 -21.23 3.45
C LEU A 211 -30.28 -20.44 4.24
N ALA A 212 -29.87 -19.93 5.41
CA ALA A 212 -30.76 -19.12 6.24
C ALA A 212 -31.24 -17.93 5.43
N ASN A 213 -30.37 -17.46 4.54
CA ASN A 213 -30.76 -16.51 3.52
C ASN A 213 -30.28 -16.99 2.17
N PRO A 214 -31.22 -17.45 1.32
CA PRO A 214 -30.89 -18.11 0.06
C PRO A 214 -30.17 -17.21 -0.94
N GLY A 215 -30.23 -15.90 -0.72
CA GLY A 215 -29.62 -14.96 -1.64
C GLY A 215 -28.11 -15.02 -1.60
N GLN A 216 -27.59 -15.63 -0.54
CA GLN A 216 -26.14 -15.84 -0.42
C GLN A 216 -25.60 -16.89 -1.36
N PHE A 217 -26.50 -17.62 -2.03
CA PHE A 217 -26.10 -18.60 -3.04
C PHE A 217 -25.93 -17.85 -4.36
N ALA A 218 -24.71 -17.85 -4.88
CA ALA A 218 -24.39 -17.01 -6.03
C ALA A 218 -24.02 -17.78 -7.30
N GLY A 219 -23.97 -19.10 -7.22
CA GLY A 219 -23.56 -19.91 -8.36
C GLY A 219 -22.92 -21.25 -8.01
N TYR A 220 -22.50 -21.98 -9.04
CA TYR A 220 -21.84 -23.28 -8.90
C TYR A 220 -21.14 -23.67 -10.20
N THR A 221 -20.32 -24.73 -10.15
CA THR A 221 -19.79 -25.35 -11.37
C THR A 221 -20.22 -26.82 -11.39
N GLY A 222 -20.17 -27.44 -12.57
CA GLY A 222 -20.58 -28.84 -12.71
C GLY A 222 -22.08 -29.07 -12.71
N ALA A 223 -22.50 -30.32 -12.73
CA ALA A 223 -23.92 -30.67 -12.73
C ALA A 223 -24.61 -30.17 -11.48
N ALA A 224 -25.86 -29.74 -11.61
CA ALA A 224 -26.64 -29.23 -10.48
C ALA A 224 -26.94 -30.29 -9.43
N GLU A 225 -26.88 -31.55 -9.82
CA GLU A 225 -27.19 -32.66 -8.92
C GLU A 225 -25.95 -33.07 -8.14
N SER A 226 -24.79 -32.68 -8.64
CA SER A 226 -23.52 -33.01 -8.01
C SER A 226 -22.42 -32.00 -8.40
N PRO A 227 -22.52 -30.76 -7.88
CA PRO A 227 -21.62 -29.66 -8.25
C PRO A 227 -20.14 -29.96 -7.95
N THR A 228 -19.24 -29.52 -8.83
CA THR A 228 -17.82 -29.60 -8.56
C THR A 228 -17.39 -28.43 -7.66
N SER A 229 -18.24 -27.40 -7.57
CA SER A 229 -18.02 -26.32 -6.62
C SER A 229 -19.29 -25.52 -6.37
N VAL A 230 -19.39 -24.92 -5.19
CA VAL A 230 -20.50 -24.05 -4.84
C VAL A 230 -19.98 -22.64 -4.53
N LEU A 231 -20.53 -21.63 -5.21
CA LEU A 231 -20.14 -20.24 -5.01
C LEU A 231 -21.09 -19.53 -4.06
N LEU A 232 -20.53 -18.89 -3.04
CA LEU A 232 -21.33 -18.18 -2.05
C LEU A 232 -20.90 -16.71 -1.95
N ILE A 233 -21.81 -15.86 -1.50
CA ILE A 233 -21.49 -14.45 -1.33
C ILE A 233 -21.92 -13.90 0.03
N ASN A 234 -21.03 -13.15 0.64
CA ASN A 234 -21.33 -12.49 1.91
C ASN A 234 -20.62 -11.15 1.98
N HIS A 235 -21.36 -10.09 2.30
CA HIS A 235 -20.83 -8.72 2.35
C HIS A 235 -20.15 -8.36 1.05
N GLY A 236 -20.68 -8.85 -0.07
CA GLY A 236 -20.13 -8.54 -1.38
C GLY A 236 -18.90 -9.33 -1.72
N LEU A 237 -18.47 -10.21 -0.81
CA LEU A 237 -17.28 -11.03 -1.06
C LEU A 237 -17.67 -12.47 -1.30
N HIS A 238 -16.99 -13.10 -2.25
CA HIS A 238 -17.30 -14.46 -2.66
C HIS A 238 -16.52 -15.55 -1.93
N ILE A 239 -17.23 -16.63 -1.61
CA ILE A 239 -16.64 -17.87 -1.08
C ILE A 239 -16.91 -19.08 -2.00
N GLU A 240 -15.85 -19.79 -2.38
CA GLU A 240 -16.03 -20.98 -3.20
C GLU A 240 -15.66 -22.28 -2.47
N ILE A 241 -16.64 -23.14 -2.28
CA ILE A 241 -16.41 -24.47 -1.75
C ILE A 241 -16.12 -25.45 -2.90
N LEU A 242 -14.88 -25.90 -2.97
CA LEU A 242 -14.51 -26.92 -3.94
C LEU A 242 -14.90 -28.30 -3.43
N ILE A 243 -15.64 -29.03 -4.25
CA ILE A 243 -16.13 -30.36 -3.87
C ILE A 243 -15.54 -31.44 -4.80
N ASP A 244 -14.68 -32.29 -4.25
CA ASP A 244 -14.00 -33.30 -5.05
C ASP A 244 -13.68 -34.55 -4.22
N PRO A 245 -14.67 -35.46 -4.09
CA PRO A 245 -14.54 -36.62 -3.20
C PRO A 245 -13.36 -37.54 -3.50
N GLU A 246 -12.80 -37.50 -4.71
CA GLU A 246 -11.63 -38.37 -4.97
C GLU A 246 -10.25 -37.73 -4.80
N SER A 247 -10.18 -36.43 -4.51
CA SER A 247 -8.90 -35.85 -4.11
C SER A 247 -8.55 -36.39 -2.74
N GLN A 248 -7.27 -36.32 -2.37
CA GLN A 248 -6.84 -36.83 -1.08
C GLN A 248 -7.55 -36.15 0.08
N VAL A 249 -7.61 -34.83 0.07
CA VAL A 249 -8.30 -34.11 1.14
C VAL A 249 -9.81 -34.36 1.12
N GLY A 250 -10.37 -34.44 -0.09
CA GLY A 250 -11.78 -34.76 -0.26
C GLY A 250 -12.20 -36.13 0.29
N THR A 251 -11.35 -37.12 0.10
CA THR A 251 -11.63 -38.49 0.55
C THR A 251 -11.90 -38.60 2.05
N THR A 252 -11.16 -37.81 2.83
CA THR A 252 -11.28 -37.79 4.29
C THR A 252 -12.43 -36.91 4.73
N ASP A 253 -12.86 -36.02 3.85
CA ASP A 253 -13.83 -35.01 4.22
C ASP A 253 -15.26 -35.52 4.16
N ARG A 254 -16.06 -35.18 5.17
CA ARG A 254 -17.43 -35.69 5.28
C ARG A 254 -18.35 -35.32 4.11
N ALA A 255 -18.02 -34.27 3.38
CA ALA A 255 -18.89 -33.87 2.27
C ALA A 255 -18.12 -33.83 0.97
N GLY A 256 -16.94 -34.46 0.97
CA GLY A 256 -16.12 -34.50 -0.21
C GLY A 256 -15.42 -33.19 -0.50
N VAL A 257 -15.57 -32.21 0.40
CA VAL A 257 -14.91 -30.90 0.25
C VAL A 257 -13.38 -30.97 0.20
N LYS A 258 -12.81 -30.35 -0.83
CA LYS A 258 -11.38 -30.33 -1.06
C LYS A 258 -10.70 -29.04 -0.59
N ASP A 259 -11.46 -27.93 -0.57
CA ASP A 259 -10.88 -26.62 -0.28
C ASP A 259 -11.96 -25.54 -0.16
N VAL A 260 -11.62 -24.47 0.54
CA VAL A 260 -12.46 -23.28 0.57
C VAL A 260 -11.64 -22.11 0.02
N ILE A 261 -12.16 -21.46 -1.02
CA ILE A 261 -11.45 -20.36 -1.67
C ILE A 261 -12.16 -19.05 -1.34
N LEU A 262 -11.40 -18.05 -0.94
CA LEU A 262 -12.01 -16.76 -0.60
C LEU A 262 -11.61 -15.73 -1.63
N GLU A 263 -12.56 -14.92 -2.06
CA GLU A 263 -12.19 -13.71 -2.76
C GLU A 263 -11.41 -12.85 -1.74
N SER A 264 -10.14 -12.57 -2.05
CA SER A 264 -9.20 -11.96 -1.11
C SER A 264 -8.79 -10.54 -1.52
N ALA A 265 -7.63 -10.41 -2.15
CA ALA A 265 -7.14 -9.10 -2.57
C ALA A 265 -7.97 -8.57 -3.73
N ILE A 266 -8.98 -7.79 -3.39
CA ILE A 266 -9.88 -7.23 -4.37
C ILE A 266 -9.16 -6.23 -5.26
N THR A 267 -8.22 -5.49 -4.69
CA THR A 267 -7.44 -4.52 -5.43
C THR A 267 -6.00 -4.64 -4.99
N THR A 268 -5.09 -4.28 -5.89
CA THR A 268 -3.67 -4.28 -5.58
C THR A 268 -3.05 -2.97 -6.02
N ILE A 269 -2.07 -2.49 -5.25
CA ILE A 269 -1.34 -1.31 -5.62
C ILE A 269 0.03 -1.72 -6.10
N MET A 270 0.28 -1.54 -7.41
CA MET A 270 1.60 -1.71 -7.97
C MET A 270 2.42 -0.47 -7.67
N ASP A 271 3.52 -0.65 -6.95
CA ASP A 271 4.20 0.48 -6.34
C ASP A 271 5.44 0.93 -7.09
N PHE A 272 5.51 2.23 -7.41
CA PHE A 272 6.73 2.81 -7.97
C PHE A 272 7.45 3.63 -6.91
N GLU A 273 6.84 3.79 -5.74
CA GLU A 273 7.38 4.67 -4.70
C GLU A 273 8.11 3.94 -3.56
N ASP A 274 7.55 3.97 -2.35
CA ASP A 274 8.35 3.67 -1.16
C ASP A 274 8.79 2.19 -1.01
N SER A 275 8.20 1.27 -1.79
CA SER A 275 8.67 -0.12 -1.71
C SER A 275 9.69 -0.53 -2.79
N VAL A 276 10.03 0.36 -3.72
CA VAL A 276 11.05 0.04 -4.73
C VAL A 276 12.27 0.94 -4.64
N ALA A 277 13.38 0.42 -5.13
CA ALA A 277 14.59 1.22 -5.27
C ALA A 277 14.81 1.52 -6.76
N ALA A 278 14.55 2.76 -7.17
CA ALA A 278 14.73 3.15 -8.57
C ALA A 278 15.33 4.55 -8.68
N VAL A 279 16.64 4.60 -8.93
CA VAL A 279 17.37 5.85 -8.84
C VAL A 279 17.84 6.42 -10.18
N ASP A 280 17.48 5.76 -11.27
CA ASP A 280 17.90 6.23 -12.58
C ASP A 280 16.99 5.73 -13.67
N ALA A 281 17.37 5.98 -14.92
CA ALA A 281 16.55 5.63 -16.06
C ALA A 281 16.43 4.13 -16.27
N ALA A 282 17.51 3.39 -16.03
CA ALA A 282 17.47 1.94 -16.18
C ALA A 282 16.48 1.31 -15.21
N ASP A 283 16.57 1.70 -13.94
CA ASP A 283 15.60 1.26 -12.92
C ASP A 283 14.17 1.61 -13.26
N LYS A 284 13.95 2.81 -13.80
CA LYS A 284 12.58 3.24 -14.13
C LYS A 284 11.99 2.43 -15.27
N VAL A 285 12.82 2.10 -16.27
CA VAL A 285 12.32 1.30 -17.37
C VAL A 285 11.90 -0.13 -16.95
N LEU A 286 12.72 -0.77 -16.11
CA LEU A 286 12.33 -2.06 -15.52
C LEU A 286 10.94 -1.95 -14.91
N GLY A 287 10.74 -0.89 -14.11
CA GLY A 287 9.43 -0.60 -13.54
C GLY A 287 8.32 -0.48 -14.55
N TYR A 288 8.45 0.49 -15.46
CA TYR A 288 7.46 0.65 -16.51
C TYR A 288 7.28 -0.63 -17.34
N ARG A 289 8.36 -1.40 -17.52
CA ARG A 289 8.21 -2.63 -18.31
C ARG A 289 7.27 -3.66 -17.68
N ASN A 290 7.37 -3.84 -16.36
CA ASN A 290 6.45 -4.76 -15.66
C ASN A 290 5.01 -4.27 -15.68
N TRP A 291 4.84 -2.96 -15.49
CA TRP A 291 3.52 -2.35 -15.47
C TRP A 291 2.84 -2.52 -16.84
N LEU A 292 3.64 -2.42 -17.89
CA LEU A 292 3.15 -2.71 -19.25
C LEU A 292 2.65 -4.17 -19.40
N GLY A 293 3.50 -5.11 -19.01
CA GLY A 293 3.16 -6.53 -19.04
C GLY A 293 1.86 -6.83 -18.31
N LEU A 294 1.71 -6.23 -17.13
CA LEU A 294 0.49 -6.34 -16.33
C LEU A 294 -0.72 -5.79 -17.04
N ASN A 295 -0.62 -4.59 -17.59
CA ASN A 295 -1.74 -4.00 -18.32
C ASN A 295 -2.04 -4.68 -19.65
N LYS A 296 -0.99 -5.12 -20.34
CA LYS A 296 -1.21 -5.92 -21.54
C LYS A 296 -1.88 -7.24 -21.14
N GLY A 297 -1.43 -7.79 -20.02
CA GLY A 297 -2.01 -9.00 -19.48
C GLY A 297 -1.27 -10.21 -19.98
N ASP A 298 -0.02 -10.01 -20.37
CA ASP A 298 0.77 -11.09 -20.93
C ASP A 298 2.06 -11.35 -20.17
N LEU A 299 2.33 -10.56 -19.14
CA LEU A 299 3.52 -10.81 -18.32
C LEU A 299 3.42 -12.18 -17.66
N ALA A 300 4.53 -12.91 -17.63
CA ALA A 300 4.55 -14.27 -17.12
C ALA A 300 5.98 -14.64 -16.70
N ALA A 301 6.10 -15.63 -15.80
CA ALA A 301 7.41 -16.17 -15.40
C ALA A 301 7.38 -17.69 -15.32
N ARG A 312 4.07 -19.64 -15.71
CA ARG A 312 3.03 -19.12 -14.81
C ARG A 312 2.48 -17.77 -15.25
N VAL A 313 1.17 -17.73 -15.49
CA VAL A 313 0.58 -16.58 -16.16
C VAL A 313 -0.36 -15.79 -15.27
N LEU A 314 -0.91 -14.72 -15.80
CA LEU A 314 -1.98 -14.01 -15.12
C LEU A 314 -3.24 -14.83 -15.25
N ASN A 315 -3.94 -15.01 -14.13
CA ASN A 315 -5.15 -15.79 -14.15
C ASN A 315 -6.23 -15.11 -14.97
N ARG A 316 -7.03 -15.94 -15.63
CA ARG A 316 -8.13 -15.45 -16.44
C ARG A 316 -9.35 -15.41 -15.55
N ASP A 317 -10.40 -14.78 -16.03
CA ASP A 317 -11.63 -14.67 -15.25
C ASP A 317 -12.25 -16.03 -15.01
N ARG A 318 -13.01 -16.15 -13.92
CA ARG A 318 -13.56 -17.43 -13.51
C ARG A 318 -14.99 -17.57 -14.00
N ASN A 319 -15.34 -18.77 -14.45
CA ASN A 319 -16.65 -19.00 -15.01
C ASN A 319 -17.53 -19.84 -14.10
N TYR A 320 -18.80 -19.46 -14.03
CA TYR A 320 -19.71 -20.07 -13.09
C TYR A 320 -21.07 -20.18 -13.73
N THR A 321 -21.91 -21.00 -13.13
CA THR A 321 -23.28 -21.13 -13.55
C THR A 321 -24.11 -20.41 -12.53
N ALA A 322 -24.85 -19.40 -12.96
CA ALA A 322 -25.73 -18.66 -12.08
C ALA A 322 -26.76 -19.60 -11.48
N PRO A 323 -27.34 -19.23 -10.32
CA PRO A 323 -28.33 -20.10 -9.68
C PRO A 323 -29.49 -20.34 -10.62
N GLY A 324 -29.84 -19.34 -11.44
CA GLY A 324 -30.85 -19.50 -12.45
C GLY A 324 -30.48 -20.61 -13.42
N GLY A 325 -29.46 -20.36 -14.25
CA GLY A 325 -28.94 -21.37 -15.12
C GLY A 325 -27.93 -20.91 -16.16
N GLY A 326 -27.74 -19.59 -16.28
CA GLY A 326 -26.83 -19.09 -17.31
C GLY A 326 -25.37 -19.08 -16.89
N GLN A 327 -24.47 -18.81 -17.84
CA GLN A 327 -23.06 -18.65 -17.52
C GLN A 327 -22.75 -17.20 -17.19
N PHE A 328 -21.93 -16.99 -16.16
CA PHE A 328 -21.34 -15.68 -15.90
C PHE A 328 -19.84 -15.74 -15.59
N THR A 329 -19.25 -14.57 -15.49
CA THR A 329 -17.82 -14.46 -15.37
C THR A 329 -17.52 -13.51 -14.21
N LEU A 330 -16.65 -13.94 -13.29
CA LEU A 330 -16.19 -13.08 -12.21
C LEU A 330 -14.73 -12.78 -12.46
N PRO A 331 -14.30 -11.57 -12.11
CA PRO A 331 -12.90 -11.16 -12.28
C PRO A 331 -11.97 -12.17 -11.62
N GLY A 332 -10.86 -12.49 -12.27
CA GLY A 332 -9.91 -13.42 -11.71
C GLY A 332 -8.67 -12.73 -11.20
N ARG A 333 -8.50 -11.48 -11.61
CA ARG A 333 -7.33 -10.73 -11.19
C ARG A 333 -7.71 -9.65 -10.19
N SER A 334 -6.73 -9.24 -9.41
CA SER A 334 -6.90 -8.13 -8.50
C SER A 334 -6.87 -6.84 -9.33
N LEU A 335 -7.92 -6.03 -9.23
CA LEU A 335 -7.96 -4.70 -9.88
C LEU A 335 -6.75 -3.86 -9.48
N MET A 336 -5.98 -3.39 -10.46
CA MET A 336 -4.72 -2.74 -10.14
C MET A 336 -4.80 -1.22 -10.08
N PHE A 337 -4.18 -0.66 -9.05
CA PHE A 337 -3.88 0.76 -8.94
C PHE A 337 -2.39 0.80 -9.20
N VAL A 338 -1.88 1.99 -9.51
CA VAL A 338 -0.44 2.21 -9.50
C VAL A 338 -0.13 3.34 -8.52
N ARG A 339 0.99 3.25 -7.82
CA ARG A 339 1.39 4.33 -6.91
C ARG A 339 2.57 5.07 -7.51
N ASN A 340 2.34 6.29 -7.98
CA ASN A 340 3.42 7.11 -8.53
C ASN A 340 4.30 7.64 -7.42
N VAL A 341 5.51 8.11 -7.75
CA VAL A 341 6.23 8.89 -6.75
C VAL A 341 5.49 10.21 -6.54
N GLY A 342 5.80 10.91 -5.45
CA GLY A 342 5.22 12.22 -5.19
C GLY A 342 6.01 13.39 -5.77
N HIS A 343 5.75 14.59 -5.27
CA HIS A 343 6.17 15.85 -5.89
C HIS A 343 7.65 16.21 -5.73
N LEU A 344 8.35 15.54 -4.83
CA LEU A 344 9.69 15.97 -4.45
C LEU A 344 10.79 15.68 -5.46
N MET A 345 10.89 14.43 -5.90
CA MET A 345 12.13 13.97 -6.48
C MET A 345 12.23 14.30 -7.99
N THR A 346 13.47 14.42 -8.44
CA THR A 346 13.78 14.47 -9.86
C THR A 346 14.48 13.17 -10.21
N ASN A 347 14.47 12.83 -11.50
CA ASN A 347 15.14 11.63 -11.99
C ASN A 347 15.83 11.87 -13.34
N ASP A 348 17.00 11.24 -13.56
CA ASP A 348 17.78 11.54 -14.77
C ASP A 348 17.27 10.86 -16.04
N ALA A 349 16.10 10.22 -15.95
CA ALA A 349 15.47 9.64 -17.13
C ALA A 349 15.27 10.72 -18.18
N ILE A 350 14.94 11.93 -17.73
CA ILE A 350 14.91 13.08 -18.61
C ILE A 350 15.65 14.21 -17.94
N VAL A 351 16.51 14.88 -18.71
CA VAL A 351 17.10 16.12 -18.28
C VAL A 351 16.82 17.16 -19.36
N ASP A 352 16.94 18.44 -19.02
CA ASP A 352 16.82 19.46 -20.05
C ASP A 352 18.20 19.86 -20.55
N THR A 353 18.22 20.78 -21.50
CA THR A 353 19.46 21.22 -22.16
C THR A 353 20.54 21.60 -21.16
N ASP A 354 20.18 22.40 -20.16
CA ASP A 354 21.18 22.82 -19.16
C ASP A 354 21.66 21.67 -18.27
N GLY A 355 20.89 20.59 -18.19
CA GLY A 355 21.31 19.42 -17.43
C GLY A 355 20.48 19.10 -16.19
N SER A 356 19.46 19.90 -15.92
CA SER A 356 18.61 19.72 -14.76
C SER A 356 17.69 18.50 -14.90
N GLU A 357 17.73 17.61 -13.92
CA GLU A 357 16.86 16.44 -13.92
C GLU A 357 15.39 16.87 -13.90
N VAL A 358 14.56 16.18 -14.66
CA VAL A 358 13.13 16.46 -14.72
C VAL A 358 12.44 15.87 -13.48
N PHE A 359 11.36 16.50 -13.01
CA PHE A 359 10.58 16.01 -11.86
C PHE A 359 9.99 14.63 -12.10
N GLU A 360 10.30 13.71 -11.19
CA GLU A 360 9.92 12.31 -11.35
C GLU A 360 8.41 12.03 -11.33
N GLY A 361 7.67 12.74 -10.49
CA GLY A 361 6.23 12.58 -10.43
C GLY A 361 5.55 12.95 -11.74
N ILE A 362 5.99 14.03 -12.36
CA ILE A 362 5.48 14.43 -13.65
C ILE A 362 5.72 13.30 -14.67
N MET A 363 6.92 12.75 -14.67
CA MET A 363 7.25 11.63 -15.56
C MET A 363 6.35 10.43 -15.32
N ASP A 364 6.21 10.04 -14.05
CA ASP A 364 5.32 8.93 -13.68
C ASP A 364 3.89 9.10 -14.17
N ALA A 365 3.33 10.31 -14.07
CA ALA A 365 1.96 10.49 -14.52
C ALA A 365 1.83 10.23 -16.03
N LEU A 366 2.80 10.73 -16.80
CA LEU A 366 2.81 10.56 -18.26
C LEU A 366 2.97 9.10 -18.65
N PHE A 367 4.02 8.46 -18.14
CA PHE A 367 4.38 7.11 -18.56
C PHE A 367 3.47 6.04 -17.95
N THR A 368 3.29 6.07 -16.62
CA THR A 368 2.38 5.10 -16.02
C THR A 368 0.97 5.30 -16.57
N GLY A 369 0.60 6.53 -16.89
CA GLY A 369 -0.68 6.78 -17.53
C GLY A 369 -0.76 6.21 -18.95
N LEU A 370 0.29 6.46 -19.74
CA LEU A 370 0.36 5.95 -21.12
C LEU A 370 0.19 4.41 -21.13
N ILE A 371 1.03 3.76 -20.35
CA ILE A 371 1.03 2.31 -20.23
C ILE A 371 -0.33 1.76 -19.84
N ALA A 372 -1.05 2.47 -18.98
CA ALA A 372 -2.32 1.99 -18.45
C ALA A 372 -3.46 1.96 -19.46
N ILE A 373 -3.27 2.67 -20.57
CA ILE A 373 -4.23 2.62 -21.69
C ILE A 373 -4.46 1.18 -22.17
N HIS A 374 -3.39 0.38 -22.15
CA HIS A 374 -3.46 -1.00 -22.61
C HIS A 374 -4.41 -1.82 -21.74
N GLY A 375 -4.41 -1.52 -20.44
CA GLY A 375 -5.31 -2.19 -19.52
C GLY A 375 -6.79 -1.89 -19.67
N LEU A 376 -7.13 -0.99 -20.59
CA LEU A 376 -8.54 -0.62 -20.75
C LEU A 376 -9.27 -1.44 -21.80
N LYS A 377 -8.55 -2.31 -22.51
CA LYS A 377 -9.16 -3.16 -23.54
C LYS A 377 -8.30 -4.39 -23.87
N ALA A 378 -8.94 -5.39 -24.46
CA ALA A 378 -8.23 -6.61 -24.83
C ALA A 378 -8.16 -6.74 -26.34
N SER A 379 -6.95 -6.89 -26.87
CA SER A 379 -6.75 -7.09 -28.31
C SER A 379 -5.33 -7.59 -28.60
N ASP A 380 -5.00 -7.74 -29.87
CA ASP A 380 -3.64 -8.15 -30.25
C ASP A 380 -2.64 -7.12 -29.72
N VAL A 381 -2.89 -5.86 -30.06
CA VAL A 381 -1.90 -4.81 -29.87
C VAL A 381 -1.86 -4.26 -28.45
N ASN A 382 -2.94 -4.48 -27.69
CA ASN A 382 -3.00 -4.05 -26.29
C ASN A 382 -2.70 -5.17 -25.29
N GLY A 383 -2.65 -6.41 -25.77
CA GLY A 383 -2.48 -7.56 -24.91
C GLY A 383 -3.84 -8.11 -24.53
N PRO A 384 -3.88 -9.36 -24.04
CA PRO A 384 -5.16 -10.08 -23.85
C PRO A 384 -6.01 -9.72 -22.62
N LEU A 385 -5.44 -9.13 -21.56
CA LEU A 385 -6.20 -8.97 -20.30
C LEU A 385 -6.57 -7.53 -19.88
N ILE A 386 -7.79 -7.38 -19.35
CA ILE A 386 -8.36 -6.09 -18.97
C ILE A 386 -8.24 -5.80 -17.47
N ASN A 387 -7.72 -4.62 -17.12
CA ASN A 387 -7.66 -4.17 -15.73
C ASN A 387 -8.97 -3.53 -15.31
N SER A 388 -9.10 -2.24 -15.59
CA SER A 388 -10.33 -1.51 -15.27
C SER A 388 -11.40 -1.84 -16.28
N ARG A 389 -12.57 -2.21 -15.76
CA ARG A 389 -13.71 -2.52 -16.62
C ARG A 389 -14.55 -1.28 -16.90
N THR A 390 -14.24 -0.17 -16.24
CA THR A 390 -15.05 1.03 -16.43
C THR A 390 -14.27 2.09 -17.23
N GLY A 391 -12.96 1.87 -17.34
CA GLY A 391 -12.13 2.75 -18.14
C GLY A 391 -11.34 3.76 -17.32
N SER A 392 -11.08 3.45 -16.05
CA SER A 392 -10.31 4.35 -15.22
C SER A 392 -8.87 3.89 -15.06
N ILE A 393 -8.00 4.86 -14.86
CA ILE A 393 -6.64 4.58 -14.50
C ILE A 393 -6.58 5.03 -13.06
N TYR A 394 -6.05 4.19 -12.19
CA TYR A 394 -6.06 4.51 -10.77
C TYR A 394 -4.65 4.81 -10.25
N ILE A 395 -4.39 6.08 -9.95
CA ILE A 395 -3.08 6.45 -9.43
C ILE A 395 -3.15 6.91 -7.98
N VAL A 396 -2.44 6.20 -7.13
CA VAL A 396 -2.25 6.59 -5.75
C VAL A 396 -1.08 7.56 -5.75
N LYS A 397 -1.28 8.71 -5.13
CA LYS A 397 -0.28 9.76 -5.09
C LYS A 397 0.11 9.98 -3.64
N PRO A 398 1.37 9.76 -3.32
CA PRO A 398 1.86 9.83 -1.94
C PRO A 398 2.42 11.21 -1.59
N LYS A 399 2.55 11.46 -0.30
CA LYS A 399 3.31 12.58 0.22
C LYS A 399 2.87 13.95 -0.31
N MET A 400 1.57 14.15 -0.48
CA MET A 400 1.07 15.49 -0.80
C MET A 400 0.90 16.30 0.48
N HIS A 401 1.28 17.58 0.43
CA HIS A 401 1.14 18.47 1.58
C HIS A 401 0.08 19.54 1.34
N GLY A 402 -1.17 19.25 1.71
CA GLY A 402 -2.20 20.25 1.63
C GLY A 402 -2.92 20.31 0.31
N PRO A 403 -4.00 21.10 0.26
CA PRO A 403 -4.94 21.23 -0.84
C PRO A 403 -4.32 21.75 -2.13
N ALA A 404 -3.32 22.64 -2.06
CA ALA A 404 -2.75 23.16 -3.30
C ALA A 404 -1.95 22.08 -4.02
N GLU A 405 -1.37 21.16 -3.26
CA GLU A 405 -0.57 20.12 -3.89
C GLU A 405 -1.48 19.07 -4.52
N VAL A 406 -2.69 18.94 -3.98
CA VAL A 406 -3.71 18.07 -4.54
C VAL A 406 -4.20 18.66 -5.86
N ALA A 407 -4.56 19.95 -5.85
CA ALA A 407 -5.05 20.63 -7.05
C ALA A 407 -4.02 20.52 -8.15
N PHE A 408 -2.75 20.65 -7.80
CA PHE A 408 -1.67 20.55 -8.79
C PHE A 408 -1.65 19.15 -9.42
N THR A 409 -1.84 18.12 -8.59
CA THR A 409 -1.91 16.74 -9.09
C THR A 409 -3.05 16.53 -10.10
N CYS A 410 -4.22 17.05 -9.77
CA CYS A 410 -5.34 17.00 -10.69
C CYS A 410 -5.06 17.72 -12.01
N GLU A 411 -4.36 18.86 -11.92
CA GLU A 411 -4.06 19.62 -13.12
C GLU A 411 -3.03 18.87 -13.97
N LEU A 412 -2.10 18.20 -13.31
CA LEU A 412 -1.15 17.34 -14.00
C LEU A 412 -1.86 16.21 -14.71
N PHE A 413 -2.74 15.53 -13.99
CA PHE A 413 -3.49 14.42 -14.59
C PHE A 413 -4.34 14.91 -15.77
N SER A 414 -4.88 16.11 -15.62
CA SER A 414 -5.73 16.72 -16.64
C SER A 414 -4.95 16.96 -17.93
N ARG A 415 -3.72 17.42 -17.77
CA ARG A 415 -2.85 17.74 -18.90
C ARG A 415 -2.31 16.47 -19.51
N VAL A 416 -2.05 15.47 -18.67
CA VAL A 416 -1.61 14.16 -19.14
C VAL A 416 -2.70 13.51 -19.98
N GLU A 417 -3.95 13.61 -19.52
CA GLU A 417 -5.08 13.08 -20.26
C GLU A 417 -5.17 13.67 -21.67
N ASP A 418 -4.81 14.94 -21.81
CA ASP A 418 -4.90 15.61 -23.10
C ASP A 418 -3.85 15.09 -24.08
N VAL A 419 -2.60 14.97 -23.62
CA VAL A 419 -1.55 14.35 -24.40
C VAL A 419 -1.92 12.92 -24.82
N LEU A 420 -2.50 12.16 -23.89
CA LEU A 420 -2.80 10.74 -24.16
C LEU A 420 -4.10 10.55 -24.93
N GLY A 421 -4.83 11.63 -25.13
CA GLY A 421 -6.08 11.56 -25.86
C GLY A 421 -7.21 10.89 -25.10
N LEU A 422 -7.18 10.98 -23.77
CA LEU A 422 -8.21 10.34 -22.95
C LEU A 422 -9.28 11.32 -22.54
N PRO A 423 -10.49 10.82 -22.27
CA PRO A 423 -11.50 11.73 -21.72
C PRO A 423 -11.04 12.35 -20.40
N GLN A 424 -11.50 13.56 -20.11
CA GLN A 424 -11.20 14.21 -18.84
C GLN A 424 -11.73 13.36 -17.66
N ASN A 425 -10.94 13.30 -16.59
CA ASN A 425 -11.25 12.54 -15.36
C ASN A 425 -11.08 11.02 -15.45
N THR A 426 -10.52 10.55 -16.56
CA THR A 426 -10.09 9.17 -16.70
C THR A 426 -9.11 8.78 -15.58
N MET A 427 -8.12 9.63 -15.35
CA MET A 427 -7.12 9.34 -14.35
C MET A 427 -7.58 9.70 -12.92
N LYS A 428 -8.12 8.72 -12.20
CA LYS A 428 -8.53 8.85 -10.80
C LYS A 428 -7.36 9.01 -9.81
N ILE A 429 -7.62 9.65 -8.68
CA ILE A 429 -6.54 9.84 -7.73
C ILE A 429 -6.84 9.21 -6.37
N GLY A 430 -5.81 8.59 -5.78
CA GLY A 430 -5.93 8.08 -4.43
C GLY A 430 -5.09 8.95 -3.53
N ILE A 431 -5.74 9.64 -2.59
CA ILE A 431 -5.01 10.55 -1.73
C ILE A 431 -4.48 9.83 -0.48
N MET A 432 -3.16 9.69 -0.39
CA MET A 432 -2.57 9.15 0.82
C MET A 432 -2.48 10.28 1.85
N ASP A 433 -3.02 10.06 3.04
CA ASP A 433 -2.99 11.10 4.06
C ASP A 433 -1.86 10.70 4.99
N GLU A 434 -0.67 11.24 4.73
CA GLU A 434 0.51 10.86 5.48
C GLU A 434 1.42 12.06 5.72
N GLU A 435 0.91 13.26 5.50
CA GLU A 435 1.61 14.45 5.91
C GLU A 435 0.66 15.35 6.74
N ARG A 436 1.23 16.02 7.75
CA ARG A 436 0.43 16.81 8.67
C ARG A 436 -0.41 17.87 7.99
N ARG A 437 0.17 18.57 7.01
CA ARG A 437 -0.55 19.66 6.35
C ARG A 437 -1.74 19.15 5.50
N THR A 438 -1.73 17.86 5.17
CA THR A 438 -2.90 17.24 4.57
C THR A 438 -3.95 16.87 5.64
N THR A 439 -3.51 16.24 6.73
CA THR A 439 -4.39 15.84 7.83
C THR A 439 -5.27 16.99 8.30
N VAL A 440 -4.65 18.10 8.68
CA VAL A 440 -5.41 19.23 9.24
C VAL A 440 -6.22 19.99 8.19
N ASN A 441 -5.95 19.73 6.91
CA ASN A 441 -6.75 20.30 5.82
C ASN A 441 -7.43 19.24 4.96
N LEU A 442 -7.68 18.06 5.54
CA LEU A 442 -8.17 16.90 4.77
C LEU A 442 -9.43 17.17 3.97
N LYS A 443 -10.46 17.75 4.60
CA LYS A 443 -11.66 18.11 3.87
C LYS A 443 -11.34 18.95 2.64
N ALA A 444 -10.44 19.91 2.78
CA ALA A 444 -10.10 20.77 1.66
C ALA A 444 -9.30 19.99 0.58
N CYS A 445 -8.51 19.01 1.02
CA CYS A 445 -7.74 18.20 0.08
C CYS A 445 -8.66 17.35 -0.76
N ILE A 446 -9.64 16.71 -0.11
CA ILE A 446 -10.62 15.92 -0.84
C ILE A 446 -11.40 16.78 -1.84
N LYS A 447 -11.86 17.94 -1.38
CA LYS A 447 -12.61 18.86 -2.25
C LYS A 447 -11.84 19.22 -3.53
N ALA A 448 -10.54 19.41 -3.38
CA ALA A 448 -9.66 19.71 -4.49
C ALA A 448 -9.56 18.57 -5.50
N ALA A 449 -10.03 17.39 -5.13
CA ALA A 449 -10.06 16.25 -6.03
C ALA A 449 -11.45 15.67 -6.15
N ALA A 450 -12.46 16.48 -5.93
CA ALA A 450 -13.82 15.97 -5.76
C ALA A 450 -14.35 15.15 -6.95
N ASP A 451 -13.78 15.35 -8.14
CA ASP A 451 -14.23 14.60 -9.32
C ASP A 451 -13.24 13.53 -9.77
N ARG A 452 -12.14 13.36 -9.03
CA ARG A 452 -11.13 12.36 -9.36
C ARG A 452 -10.87 11.35 -8.23
N VAL A 453 -11.28 11.68 -7.01
CA VAL A 453 -10.87 10.89 -5.85
C VAL A 453 -11.63 9.57 -5.70
N VAL A 454 -10.89 8.48 -5.50
CA VAL A 454 -11.50 7.18 -5.26
C VAL A 454 -10.92 6.48 -4.02
N PHE A 455 -10.07 7.17 -3.26
CA PHE A 455 -9.33 6.53 -2.17
C PHE A 455 -8.68 7.57 -1.26
N ILE A 456 -8.81 7.38 0.05
CA ILE A 456 -7.93 8.02 1.02
C ILE A 456 -7.47 6.94 1.98
N ASN A 457 -6.29 7.12 2.57
CA ASN A 457 -5.86 6.13 3.56
C ASN A 457 -4.95 6.74 4.61
N THR A 458 -4.70 5.98 5.66
CA THR A 458 -3.78 6.38 6.71
C THR A 458 -2.71 5.32 6.90
N GLY A 459 -1.63 5.71 7.58
CA GLY A 459 -0.57 4.80 7.94
C GLY A 459 0.11 5.31 9.19
N PHE A 460 1.16 4.64 9.63
CA PHE A 460 1.82 5.01 10.87
C PHE A 460 3.18 5.67 10.61
N LEU A 461 4.02 5.02 9.82
CA LEU A 461 5.43 5.39 9.73
C LEU A 461 5.71 6.75 9.04
N ASP A 462 5.16 6.99 7.86
CA ASP A 462 5.39 8.28 7.18
C ASP A 462 4.76 9.44 7.93
N ARG A 463 3.48 9.30 8.28
CA ARG A 463 2.78 10.37 8.99
C ARG A 463 3.46 10.80 10.28
N THR A 464 4.03 9.83 10.99
CA THR A 464 4.75 10.09 12.22
C THR A 464 6.14 10.69 11.93
N GLY A 465 6.73 10.30 10.80
CA GLY A 465 7.93 10.94 10.32
C GLY A 465 7.71 12.44 10.14
N ASP A 466 6.63 12.79 9.43
CA ASP A 466 6.27 14.20 9.23
C ASP A 466 5.99 14.92 10.55
N GLU A 467 5.28 14.21 11.44
CA GLU A 467 4.94 14.74 12.76
C GLU A 467 6.20 15.15 13.51
N ILE A 468 7.21 14.29 13.49
CA ILE A 468 8.44 14.59 14.19
C ILE A 468 9.18 15.74 13.49
N HIS A 469 9.20 15.73 12.17
CA HIS A 469 9.96 16.75 11.45
C HIS A 469 9.38 18.14 11.63
N THR A 470 8.05 18.23 11.55
CA THR A 470 7.35 19.50 11.63
C THR A 470 7.58 20.17 12.98
N SER A 471 7.61 19.37 14.04
CA SER A 471 7.81 19.92 15.37
C SER A 471 9.21 19.62 15.89
N MET A 472 10.15 19.43 14.98
CA MET A 472 11.53 19.13 15.37
C MET A 472 12.03 20.08 16.47
N GLU A 473 11.83 21.38 16.29
CA GLU A 473 12.35 22.35 17.26
C GLU A 473 11.60 22.45 18.59
N ALA A 474 10.46 21.76 18.72
CA ALA A 474 9.63 21.98 19.91
C ALA A 474 10.15 21.31 21.17
N GLY A 475 11.01 20.31 21.01
CA GLY A 475 11.49 19.51 22.13
C GLY A 475 11.68 18.04 21.77
N PRO A 476 12.17 17.23 22.72
CA PRO A 476 12.32 15.79 22.49
C PRO A 476 10.96 15.11 22.32
N MET A 477 10.84 14.20 21.36
CA MET A 477 9.61 13.45 21.12
C MET A 477 9.61 12.13 21.89
N VAL A 478 8.43 11.55 22.06
CA VAL A 478 8.31 10.25 22.71
C VAL A 478 8.88 9.16 21.80
N ARG A 479 9.17 8.00 22.38
CA ARG A 479 9.71 6.86 21.64
C ARG A 479 8.77 6.39 20.53
N LYS A 480 9.31 5.64 19.58
CA LYS A 480 8.52 5.21 18.42
C LYS A 480 7.31 4.37 18.81
N GLY A 481 7.54 3.41 19.71
CA GLY A 481 6.47 2.57 20.23
C GLY A 481 5.36 3.35 20.90
N THR A 482 5.76 4.40 21.64
CA THR A 482 4.81 5.26 22.34
C THR A 482 3.93 6.07 21.37
N MET A 483 4.47 6.34 20.18
CA MET A 483 3.81 7.19 19.18
C MET A 483 2.49 6.60 18.75
N LYS A 484 2.47 5.27 18.64
CA LYS A 484 1.28 4.55 18.17
C LYS A 484 0.03 4.87 18.95
N SER A 485 0.19 5.27 20.21
CA SER A 485 -0.96 5.52 21.08
C SER A 485 -1.14 6.99 21.50
N GLN A 486 -0.42 7.90 20.83
CA GLN A 486 -0.51 9.33 21.15
C GLN A 486 -1.83 9.95 20.71
N PRO A 487 -2.30 10.96 21.47
CA PRO A 487 -3.53 11.67 21.11
C PRO A 487 -3.57 12.13 19.65
N TRP A 488 -2.51 12.71 19.11
CA TRP A 488 -2.56 13.16 17.71
C TRP A 488 -2.88 12.02 16.74
N ILE A 489 -2.24 10.87 16.90
CA ILE A 489 -2.40 9.80 15.90
C ILE A 489 -3.78 9.12 15.98
N LEU A 490 -4.32 9.06 17.19
CA LEU A 490 -5.66 8.52 17.37
C LEU A 490 -6.69 9.48 16.76
N ALA A 491 -6.51 10.78 16.94
CA ALA A 491 -7.39 11.76 16.33
C ALA A 491 -7.27 11.68 14.80
N TYR A 492 -6.03 11.54 14.33
CA TYR A 492 -5.72 11.49 12.90
C TYR A 492 -6.43 10.31 12.20
N GLU A 493 -6.41 9.14 12.85
CA GLU A 493 -7.06 7.96 12.32
C GLU A 493 -8.56 8.16 12.19
N ASP A 494 -9.19 8.68 13.25
CA ASP A 494 -10.63 8.89 13.27
C ASP A 494 -11.02 10.03 12.34
N HIS A 495 -10.19 11.07 12.28
CA HIS A 495 -10.46 12.22 11.43
C HIS A 495 -10.45 11.82 9.95
N ASN A 496 -9.57 10.89 9.59
CA ASN A 496 -9.54 10.42 8.21
C ASN A 496 -10.87 9.83 7.79
N VAL A 497 -11.29 8.80 8.51
CA VAL A 497 -12.56 8.12 8.25
C VAL A 497 -13.71 9.12 8.23
N ASP A 498 -13.82 9.96 9.25
CA ASP A 498 -14.87 11.00 9.31
C ASP A 498 -14.93 11.90 8.06
N ALA A 499 -13.79 12.45 7.67
CA ALA A 499 -13.73 13.31 6.48
C ALA A 499 -14.23 12.58 5.23
N GLY A 500 -13.72 11.36 5.02
CA GLY A 500 -14.13 10.54 3.90
C GLY A 500 -15.64 10.29 3.90
N LEU A 501 -16.18 9.87 5.04
CA LEU A 501 -17.62 9.59 5.10
C LEU A 501 -18.45 10.85 4.88
N ALA A 502 -17.98 11.97 5.41
CA ALA A 502 -18.72 13.22 5.29
C ALA A 502 -18.74 13.71 3.85
N ALA A 503 -17.73 13.31 3.09
CA ALA A 503 -17.62 13.65 1.68
C ALA A 503 -18.30 12.60 0.79
N GLY A 504 -18.99 11.66 1.43
CA GLY A 504 -19.83 10.72 0.72
C GLY A 504 -19.13 9.47 0.23
N PHE A 505 -17.99 9.11 0.84
CA PHE A 505 -17.21 7.98 0.33
C PHE A 505 -17.92 6.63 0.32
N SER A 506 -18.71 6.31 1.35
CA SER A 506 -19.34 4.99 1.37
C SER A 506 -20.18 4.81 0.11
N GLY A 507 -19.93 3.74 -0.62
CA GLY A 507 -20.61 3.49 -1.86
C GLY A 507 -19.98 4.21 -3.04
N ARG A 508 -18.92 4.98 -2.80
CA ARG A 508 -18.28 5.77 -3.86
C ARG A 508 -16.77 5.65 -3.93
N ALA A 509 -16.12 5.53 -2.78
CA ALA A 509 -14.67 5.52 -2.73
C ALA A 509 -14.17 4.80 -1.48
N GLN A 510 -12.91 4.38 -1.52
CA GLN A 510 -12.33 3.58 -0.44
C GLN A 510 -11.80 4.44 0.70
N VAL A 511 -12.01 3.97 1.92
CA VAL A 511 -11.36 4.56 3.08
C VAL A 511 -10.43 3.51 3.63
N GLY A 512 -9.13 3.73 3.51
CA GLY A 512 -8.17 2.70 3.83
C GLY A 512 -7.43 2.91 5.13
N LYS A 513 -6.98 1.83 5.73
CA LYS A 513 -6.05 1.97 6.84
C LYS A 513 -4.77 1.22 6.54
N GLY A 514 -3.79 1.35 7.44
CA GLY A 514 -2.41 0.98 7.17
C GLY A 514 -2.05 -0.48 7.10
N MET A 515 -0.77 -0.72 6.79
CA MET A 515 -0.23 -2.03 6.50
C MET A 515 0.08 -2.87 7.75
N TRP A 516 -0.20 -4.17 7.68
CA TRP A 516 0.26 -5.11 8.70
C TRP A 516 1.63 -5.55 8.26
N THR A 517 2.64 -5.30 9.07
CA THR A 517 4.02 -5.51 8.63
C THR A 517 4.69 -6.82 9.09
N MET A 518 4.11 -7.50 10.07
CA MET A 518 4.74 -8.73 10.61
C MET A 518 4.27 -9.97 9.86
N THR A 519 4.99 -10.28 8.80
CA THR A 519 4.53 -11.26 7.82
C THR A 519 4.39 -12.68 8.37
N GLU A 520 5.10 -12.99 9.46
CA GLU A 520 5.05 -14.33 10.06
C GLU A 520 4.02 -14.47 11.19
N LEU A 521 3.53 -13.34 11.69
CA LEU A 521 2.61 -13.34 12.82
C LEU A 521 1.16 -13.24 12.37
N MET A 522 0.70 -14.29 11.70
CA MET A 522 -0.62 -14.31 11.10
C MET A 522 -1.75 -14.46 12.12
N ALA A 523 -1.47 -15.19 13.19
CA ALA A 523 -2.44 -15.37 14.28
C ALA A 523 -2.73 -14.02 14.92
N ASP A 524 -1.67 -13.29 15.24
CA ASP A 524 -1.82 -11.91 15.70
C ASP A 524 -2.60 -11.06 14.70
N MET A 525 -2.37 -11.23 13.41
CA MET A 525 -3.07 -10.40 12.44
C MET A 525 -4.55 -10.69 12.49
N VAL A 526 -4.90 -11.97 12.51
CA VAL A 526 -6.30 -12.37 12.53
C VAL A 526 -6.98 -11.86 13.80
N GLU A 527 -6.22 -11.80 14.87
CA GLU A 527 -6.75 -11.38 16.16
C GLU A 527 -6.99 -9.86 16.20
N THR A 528 -5.99 -9.08 15.78
CA THR A 528 -6.07 -7.63 15.98
C THR A 528 -6.46 -6.75 14.77
N LYS A 529 -6.15 -7.18 13.54
CA LYS A 529 -6.37 -6.31 12.36
C LYS A 529 -7.85 -6.12 12.06
N ILE A 530 -8.69 -6.90 12.73
CA ILE A 530 -10.14 -6.71 12.66
C ILE A 530 -10.59 -5.31 13.10
N ALA A 531 -9.76 -4.66 13.91
CA ALA A 531 -10.04 -3.31 14.38
C ALA A 531 -10.27 -2.32 13.22
N GLN A 532 -9.57 -2.51 12.09
CA GLN A 532 -9.70 -1.57 10.97
C GLN A 532 -11.06 -1.56 10.25
N PRO A 533 -11.58 -2.72 9.82
CA PRO A 533 -12.96 -2.70 9.34
C PRO A 533 -13.92 -2.19 10.42
N ARG A 534 -13.69 -2.57 11.68
CA ARG A 534 -14.53 -2.11 12.77
C ARG A 534 -14.52 -0.59 12.93
N ALA A 535 -13.42 0.03 12.52
CA ALA A 535 -13.30 1.49 12.54
C ALA A 535 -13.93 2.11 11.30
N GLY A 536 -14.46 1.28 10.42
CA GLY A 536 -15.11 1.75 9.21
C GLY A 536 -14.22 1.87 7.98
N ALA A 537 -13.06 1.24 7.99
CA ALA A 537 -12.24 1.21 6.78
C ALA A 537 -12.81 0.19 5.83
N SER A 538 -13.11 0.62 4.61
CA SER A 538 -13.59 -0.30 3.59
C SER A 538 -12.43 -1.07 2.97
N THR A 539 -11.20 -0.71 3.32
CA THR A 539 -10.04 -1.48 2.90
C THR A 539 -8.88 -1.29 3.86
N ALA A 540 -7.89 -2.16 3.79
CA ALA A 540 -6.66 -2.01 4.55
C ALA A 540 -5.56 -2.87 3.93
N TRP A 541 -4.31 -2.52 4.22
CA TRP A 541 -3.17 -3.07 3.49
C TRP A 541 -2.60 -4.33 4.12
N VAL A 542 -2.35 -5.31 3.27
CA VAL A 542 -1.72 -6.57 3.65
C VAL A 542 -0.47 -6.78 2.78
N PRO A 543 0.54 -7.45 3.32
CA PRO A 543 1.85 -7.53 2.68
C PRO A 543 2.07 -8.80 1.84
N SER A 544 1.05 -9.66 1.72
CA SER A 544 1.21 -10.91 0.98
C SER A 544 -0.14 -11.47 0.60
N PRO A 545 -0.17 -12.35 -0.40
CA PRO A 545 -1.45 -12.99 -0.78
C PRO A 545 -2.06 -13.84 0.35
N THR A 546 -1.21 -14.48 1.15
CA THR A 546 -1.68 -15.29 2.27
C THR A 546 -2.38 -14.38 3.28
N ALA A 547 -1.71 -13.26 3.60
CA ALA A 547 -2.28 -12.26 4.50
C ALA A 547 -3.58 -11.68 3.97
N ALA A 548 -3.68 -11.44 2.65
CA ALA A 548 -4.94 -10.96 2.07
C ALA A 548 -6.07 -11.95 2.33
N THR A 549 -5.78 -13.23 2.11
CA THR A 549 -6.77 -14.27 2.37
C THR A 549 -7.23 -14.28 3.83
N LEU A 550 -6.29 -14.18 4.76
CA LEU A 550 -6.64 -14.24 6.18
C LEU A 550 -7.36 -12.97 6.63
N HIS A 551 -6.91 -11.82 6.11
CA HIS A 551 -7.56 -10.58 6.46
C HIS A 551 -8.98 -10.50 5.90
N ALA A 552 -9.24 -11.25 4.82
CA ALA A 552 -10.58 -11.27 4.24
C ALA A 552 -11.62 -11.82 5.23
N LEU A 553 -11.20 -12.71 6.12
CA LEU A 553 -12.10 -13.19 7.18
C LEU A 553 -12.73 -12.03 7.94
N HIS A 554 -11.96 -10.97 8.17
CA HIS A 554 -12.50 -9.82 8.90
C HIS A 554 -13.68 -9.13 8.24
N TYR A 555 -13.69 -9.10 6.91
CA TYR A 555 -14.77 -8.43 6.20
C TYR A 555 -16.01 -9.29 6.18
N HIS A 556 -15.82 -10.60 6.44
CA HIS A 556 -16.98 -11.47 6.63
C HIS A 556 -17.61 -11.29 8.01
N GLN A 557 -16.79 -11.03 9.02
CA GLN A 557 -17.29 -10.90 10.39
C GLN A 557 -17.83 -9.50 10.67
N VAL A 558 -17.30 -8.52 9.94
CA VAL A 558 -17.67 -7.13 10.12
C VAL A 558 -18.36 -6.58 8.88
N ASP A 559 -19.57 -6.06 9.06
CA ASP A 559 -20.30 -5.42 7.99
C ASP A 559 -19.85 -3.95 7.86
N VAL A 560 -18.86 -3.69 7.02
CA VAL A 560 -18.29 -2.34 6.91
C VAL A 560 -19.32 -1.31 6.45
N ALA A 561 -20.12 -1.66 5.45
CA ALA A 561 -21.19 -0.77 5.00
C ALA A 561 -22.03 -0.29 6.19
N ALA A 562 -22.37 -1.21 7.08
CA ALA A 562 -23.20 -0.90 8.24
C ALA A 562 -22.45 -0.06 9.27
N VAL A 563 -21.17 -0.36 9.46
CA VAL A 563 -20.33 0.41 10.35
C VAL A 563 -20.24 1.87 9.87
N GLN A 564 -19.93 2.05 8.59
CA GLN A 564 -19.84 3.39 8.00
C GLN A 564 -21.14 4.16 8.14
N GLN A 565 -22.26 3.46 8.03
CA GLN A 565 -23.58 4.06 8.21
C GLN A 565 -23.80 4.58 9.64
N GLY A 566 -23.38 3.81 10.64
CA GLY A 566 -23.52 4.21 12.02
C GLY A 566 -22.59 5.36 12.42
N LEU A 567 -21.49 5.54 11.68
CA LEU A 567 -20.54 6.60 11.95
C LEU A 567 -20.96 7.93 11.32
N ALA A 568 -21.96 7.90 10.45
CA ALA A 568 -22.34 9.06 9.64
C ALA A 568 -22.58 10.34 10.46
N GLY A 569 -21.95 11.43 10.03
CA GLY A 569 -22.20 12.74 10.61
C GLY A 569 -21.52 13.01 11.94
N LYS A 570 -20.76 12.04 12.43
CA LYS A 570 -20.03 12.20 13.67
C LYS A 570 -18.70 12.92 13.45
N ARG A 571 -18.37 13.84 14.37
CA ARG A 571 -17.10 14.54 14.34
C ARG A 571 -16.29 14.13 15.56
N ARG A 572 -15.45 13.12 15.40
CA ARG A 572 -14.79 12.50 16.53
C ARG A 572 -13.41 13.08 16.88
N ALA A 573 -12.91 13.98 16.02
CA ALA A 573 -11.60 14.60 16.23
C ALA A 573 -11.62 16.12 16.18
N THR A 574 -11.06 16.74 17.21
CA THR A 574 -10.89 18.19 17.23
C THR A 574 -9.57 18.60 16.59
N ILE A 575 -9.51 19.83 16.09
CA ILE A 575 -8.28 20.40 15.56
C ILE A 575 -7.19 20.44 16.66
N GLU A 576 -7.57 20.76 17.89
CA GLU A 576 -6.64 20.72 19.03
C GLU A 576 -6.01 19.34 19.23
N GLN A 577 -6.80 18.29 19.08
CA GLN A 577 -6.29 16.93 19.20
C GLN A 577 -5.29 16.65 18.06
N LEU A 578 -5.66 17.01 16.83
CA LEU A 578 -4.77 16.78 15.68
C LEU A 578 -3.43 17.47 15.90
N LEU A 579 -3.47 18.67 16.51
CA LEU A 579 -2.28 19.52 16.67
C LEU A 579 -1.52 19.31 17.99
N THR A 580 -1.86 18.27 18.73
CA THR A 580 -1.14 17.97 19.97
C THR A 580 0.20 17.32 19.66
N ILE A 581 1.26 18.10 19.80
CA ILE A 581 2.63 17.64 19.50
C ILE A 581 3.11 16.59 20.50
N PRO A 582 3.60 15.45 20.00
CA PRO A 582 4.01 14.36 20.89
C PRO A 582 5.33 14.58 21.66
N LEU A 583 5.43 15.70 22.36
CA LEU A 583 6.60 15.99 23.22
C LEU A 583 6.69 14.99 24.38
N ALA A 584 7.90 14.62 24.75
CA ALA A 584 8.11 13.76 25.91
C ALA A 584 7.99 14.57 27.20
N LYS A 585 7.54 13.93 28.28
CA LYS A 585 7.47 14.59 29.57
C LYS A 585 8.85 14.73 30.22
N GLU A 586 8.90 15.29 31.41
CA GLU A 586 10.17 15.49 32.09
C GLU A 586 10.76 14.17 32.56
N LEU A 587 12.04 13.97 32.26
CA LEU A 587 12.81 12.81 32.70
C LEU A 587 12.02 11.52 32.53
N ALA A 588 11.48 11.35 31.33
CA ALA A 588 10.65 10.20 31.02
C ALA A 588 11.45 8.89 30.99
N TRP A 589 12.77 8.96 30.81
CA TRP A 589 13.55 7.77 30.48
C TRP A 589 14.82 7.53 31.28
N ALA A 590 15.00 6.26 31.67
CA ALA A 590 16.25 5.78 32.24
C ALA A 590 17.24 5.57 31.11
N PRO A 591 18.54 5.66 31.41
CA PRO A 591 19.56 5.49 30.36
C PRO A 591 19.43 4.18 29.56
N ASP A 592 19.10 3.07 30.22
CA ASP A 592 18.88 1.82 29.50
C ASP A 592 17.73 1.90 28.51
N GLU A 593 16.71 2.68 28.86
CA GLU A 593 15.59 2.90 27.95
C GLU A 593 16.05 3.72 26.74
N ILE A 594 16.78 4.80 26.98
CA ILE A 594 17.32 5.61 25.89
C ILE A 594 18.16 4.73 24.98
N ARG A 595 19.06 3.96 25.60
CA ARG A 595 19.93 3.01 24.89
C ARG A 595 19.15 2.01 24.03
N GLU A 596 18.11 1.42 24.61
CA GLU A 596 17.24 0.51 23.89
C GLU A 596 16.64 1.16 22.65
N GLU A 597 16.16 2.39 22.81
CA GLU A 597 15.48 3.09 21.71
C GLU A 597 16.45 3.42 20.59
N VAL A 598 17.64 3.89 20.97
CA VAL A 598 18.69 4.21 20.00
C VAL A 598 19.08 2.98 19.17
N ASP A 599 19.40 1.87 19.85
CA ASP A 599 19.75 0.63 19.18
C ASP A 599 18.62 0.20 18.26
N ASN A 600 17.39 0.35 18.71
CA ASN A 600 16.26 -0.05 17.92
C ASN A 600 16.20 0.66 16.63
N ASN A 601 16.28 1.97 16.70
CA ASN A 601 16.19 2.74 15.49
C ASN A 601 17.42 2.56 14.60
N CYS A 602 18.58 2.40 15.23
CA CYS A 602 19.81 2.24 14.47
C CYS A 602 19.77 0.96 13.67
N GLN A 603 19.21 -0.11 14.23
CA GLN A 603 19.18 -1.33 13.44
C GLN A 603 18.03 -1.40 12.45
N SER A 604 16.97 -0.66 12.70
CA SER A 604 15.92 -0.60 11.68
C SER A 604 16.42 0.17 10.44
N ILE A 605 17.20 1.23 10.68
CA ILE A 605 17.82 1.96 9.59
C ILE A 605 18.86 1.09 8.87
N LEU A 606 19.85 0.58 9.60
CA LEU A 606 20.83 -0.34 9.01
C LEU A 606 20.19 -1.52 8.28
N GLY A 607 19.25 -2.19 8.94
CA GLY A 607 18.59 -3.36 8.36
C GLY A 607 18.00 -3.08 7.00
N TYR A 608 17.29 -1.96 6.90
CA TYR A 608 16.62 -1.60 5.66
C TYR A 608 17.59 -1.02 4.63
N VAL A 609 18.52 -0.20 5.11
CA VAL A 609 19.46 0.52 4.24
C VAL A 609 20.49 -0.38 3.52
N VAL A 610 20.97 -1.43 4.18
CA VAL A 610 21.95 -2.29 3.54
C VAL A 610 21.37 -2.98 2.30
N ARG A 611 20.08 -3.32 2.34
CA ARG A 611 19.48 -3.99 1.20
C ARG A 611 19.04 -3.01 0.11
N TRP A 612 18.77 -1.77 0.51
CA TRP A 612 18.39 -0.74 -0.43
C TRP A 612 19.60 -0.36 -1.28
N VAL A 613 20.65 0.10 -0.61
CA VAL A 613 21.86 0.57 -1.28
C VAL A 613 22.61 -0.53 -2.03
N ASP A 614 22.85 -1.67 -1.38
CA ASP A 614 23.66 -2.73 -2.00
C ASP A 614 22.90 -3.56 -3.02
N GLN A 615 21.61 -3.77 -2.82
CA GLN A 615 20.91 -4.69 -3.70
C GLN A 615 19.68 -4.13 -4.42
N GLY A 616 19.39 -2.85 -4.21
CA GLY A 616 18.27 -2.23 -4.91
C GLY A 616 16.93 -2.85 -4.55
N VAL A 617 16.85 -3.31 -3.31
CA VAL A 617 15.64 -3.91 -2.78
C VAL A 617 15.05 -2.97 -1.74
N GLY A 618 13.77 -2.64 -1.89
CA GLY A 618 13.13 -1.73 -0.95
C GLY A 618 11.99 -2.37 -0.16
N ALA A 619 11.76 -3.65 -0.38
CA ALA A 619 10.71 -4.36 0.35
C ALA A 619 11.07 -5.83 0.50
N SER A 620 11.09 -6.31 1.75
CA SER A 620 11.52 -7.66 2.04
C SER A 620 11.43 -7.95 3.54
N LYS A 621 11.48 -9.23 3.87
CA LYS A 621 11.38 -9.66 5.26
C LYS A 621 12.69 -9.31 5.94
N VAL A 622 12.65 -8.25 6.75
CA VAL A 622 13.84 -7.77 7.43
C VAL A 622 13.69 -8.06 8.91
N PRO A 623 14.59 -8.87 9.48
CA PRO A 623 14.60 -9.15 10.91
C PRO A 623 14.84 -7.89 11.73
N ASP A 624 13.92 -7.59 12.65
CA ASP A 624 14.15 -6.47 13.56
C ASP A 624 15.14 -6.88 14.64
N ILE A 625 15.35 -6.01 15.62
CA ILE A 625 16.38 -6.21 16.62
C ILE A 625 16.15 -7.48 17.46
N HIS A 626 14.89 -7.93 17.52
CA HIS A 626 14.51 -9.16 18.22
C HIS A 626 14.18 -10.27 17.25
N ASP A 627 14.74 -10.17 16.04
CA ASP A 627 14.59 -11.19 15.00
C ASP A 627 13.13 -11.47 14.58
N VAL A 628 12.25 -10.51 14.85
CA VAL A 628 10.90 -10.53 14.27
C VAL A 628 11.00 -10.04 12.82
N ALA A 629 10.30 -10.72 11.91
CA ALA A 629 10.38 -10.39 10.50
C ALA A 629 9.33 -9.35 10.12
N LEU A 630 9.78 -8.16 9.70
CA LEU A 630 8.87 -7.11 9.27
C LEU A 630 9.10 -6.78 7.79
N MET A 631 8.02 -6.50 7.07
CA MET A 631 8.12 -6.00 5.72
C MET A 631 7.61 -4.56 5.63
N GLU A 632 8.48 -3.62 5.99
CA GLU A 632 8.15 -2.20 5.95
C GLU A 632 8.65 -1.60 4.64
N ASP A 633 8.18 -0.40 4.32
CA ASP A 633 8.78 0.32 3.21
C ASP A 633 9.68 1.45 3.71
N ARG A 634 10.15 2.27 2.77
CA ARG A 634 11.11 3.32 3.03
C ARG A 634 10.73 4.31 4.15
N ALA A 635 9.43 4.46 4.42
CA ALA A 635 8.98 5.26 5.56
C ALA A 635 9.65 4.89 6.91
N THR A 636 9.96 3.61 7.09
CA THR A 636 10.67 3.17 8.30
C THR A 636 11.95 3.96 8.52
N LEU A 637 12.62 4.34 7.43
CA LEU A 637 13.81 5.17 7.50
C LEU A 637 13.45 6.57 7.95
N ARG A 638 12.37 7.12 7.41
CA ARG A 638 12.00 8.49 7.76
C ARG A 638 11.70 8.63 9.26
N ILE A 639 10.80 7.81 9.78
CA ILE A 639 10.44 7.90 11.20
C ILE A 639 11.65 7.69 12.09
N SER A 640 12.42 6.65 11.81
CA SER A 640 13.56 6.29 12.64
C SER A 640 14.61 7.38 12.62
N SER A 641 14.92 7.88 11.43
CA SER A 641 15.96 8.89 11.33
C SER A 641 15.53 10.22 11.96
N GLN A 642 14.26 10.60 11.77
CA GLN A 642 13.73 11.85 12.35
C GLN A 642 13.71 11.76 13.87
N LEU A 643 13.35 10.59 14.40
CA LEU A 643 13.39 10.38 15.84
C LEU A 643 14.80 10.53 16.39
N LEU A 644 15.78 9.85 15.80
CA LEU A 644 17.16 10.02 16.26
C LEU A 644 17.67 11.46 16.12
N ALA A 645 17.34 12.10 15.01
CA ALA A 645 17.80 13.48 14.77
C ALA A 645 17.17 14.42 15.80
N ASN A 646 15.93 14.11 16.17
CA ASN A 646 15.23 14.90 17.19
C ASN A 646 15.89 14.78 18.55
N TRP A 647 16.27 13.55 18.91
CA TRP A 647 16.94 13.29 20.18
C TRP A 647 18.36 13.86 20.21
N LEU A 648 19.04 13.84 19.07
CA LEU A 648 20.37 14.44 18.95
C LEU A 648 20.29 15.94 19.19
N ARG A 649 19.37 16.58 18.48
CA ARG A 649 19.18 18.03 18.51
C ARG A 649 18.83 18.56 19.91
N HIS A 650 18.11 17.79 20.71
CA HIS A 650 17.76 18.28 22.04
C HIS A 650 18.61 17.74 23.17
N GLY A 651 19.69 17.04 22.83
CA GLY A 651 20.62 16.57 23.84
C GLY A 651 20.14 15.35 24.62
N VAL A 652 19.16 14.63 24.09
CA VAL A 652 18.81 13.34 24.67
C VAL A 652 19.98 12.36 24.53
N ILE A 653 20.60 12.36 23.34
CA ILE A 653 21.75 11.52 23.02
C ILE A 653 22.83 12.38 22.36
N THR A 654 23.96 11.75 22.02
CA THR A 654 25.08 12.43 21.34
C THR A 654 25.39 11.71 20.03
N SER A 655 26.15 12.36 19.15
CA SER A 655 26.47 11.72 17.87
C SER A 655 27.41 10.54 18.08
N ALA A 656 28.18 10.59 19.16
CA ALA A 656 28.99 9.46 19.60
C ALA A 656 28.11 8.23 19.90
N ASP A 657 27.08 8.42 20.72
CA ASP A 657 26.09 7.37 21.01
C ASP A 657 25.52 6.77 19.75
N VAL A 658 25.30 7.62 18.75
CA VAL A 658 24.71 7.19 17.50
C VAL A 658 25.68 6.32 16.70
N ARG A 659 26.92 6.81 16.54
CA ARG A 659 27.95 6.07 15.84
C ARG A 659 28.19 4.73 16.57
N ALA A 660 28.33 4.80 17.89
CA ALA A 660 28.59 3.63 18.72
C ALA A 660 27.46 2.62 18.65
N SER A 661 26.23 3.11 18.61
CA SER A 661 25.07 2.25 18.36
C SER A 661 25.13 1.61 16.97
N LEU A 662 25.33 2.44 15.94
CA LEU A 662 25.41 1.93 14.56
C LEU A 662 26.51 0.88 14.42
N GLU A 663 27.61 1.09 15.13
CA GLU A 663 28.72 0.12 15.09
C GLU A 663 28.34 -1.17 15.81
N ARG A 664 27.60 -1.03 16.91
CA ARG A 664 27.15 -2.18 17.70
C ARG A 664 26.11 -2.98 16.90
N MET A 665 25.26 -2.29 16.15
CA MET A 665 24.20 -2.96 15.41
C MET A 665 24.60 -3.54 14.03
N ALA A 666 25.60 -2.95 13.39
CA ALA A 666 26.06 -3.43 12.07
C ALA A 666 26.39 -4.94 11.95
N PRO A 667 27.20 -5.51 12.88
CA PRO A 667 27.46 -6.97 12.83
C PRO A 667 26.19 -7.80 12.97
N LEU A 668 25.29 -7.34 13.83
CA LEU A 668 24.00 -8.01 14.02
C LEU A 668 23.21 -8.02 12.72
N VAL A 669 23.18 -6.89 12.02
CA VAL A 669 22.54 -6.87 10.71
C VAL A 669 23.31 -7.82 9.78
N ASP A 670 24.63 -7.83 9.89
CA ASP A 670 25.44 -8.74 9.07
C ASP A 670 25.04 -10.20 9.30
N ARG A 671 24.88 -10.59 10.57
CA ARG A 671 24.48 -11.97 10.86
C ARG A 671 23.07 -12.28 10.37
N GLN A 672 22.18 -11.30 10.48
CA GLN A 672 20.79 -11.52 10.07
C GLN A 672 20.66 -11.70 8.56
N ASN A 673 21.72 -11.40 7.81
CA ASN A 673 21.73 -11.60 6.37
C ASN A 673 22.63 -12.75 5.91
N ALA A 674 23.07 -13.58 6.83
CA ALA A 674 23.96 -14.70 6.53
C ALA A 674 23.48 -15.60 5.44
N GLY A 675 22.20 -15.89 5.44
CA GLY A 675 21.65 -16.73 4.43
C GLY A 675 21.68 -16.15 3.04
N ASP A 676 22.43 -15.06 2.86
CA ASP A 676 22.49 -14.40 1.57
C ASP A 676 23.84 -14.33 0.95
N VAL A 677 23.88 -14.81 -0.26
CA VAL A 677 25.09 -14.86 -1.08
C VAL A 677 25.64 -13.47 -1.44
N ALA A 678 24.80 -12.66 -2.03
CA ALA A 678 25.17 -11.33 -2.45
C ALA A 678 25.60 -10.39 -1.34
N TYR A 679 25.14 -10.60 -0.14
CA TYR A 679 25.46 -9.70 0.95
C TYR A 679 26.93 -9.49 1.18
N ARG A 680 27.27 -8.26 1.47
CA ARG A 680 28.62 -7.89 1.83
C ARG A 680 28.56 -7.24 3.19
N PRO A 681 29.34 -7.74 4.13
CA PRO A 681 29.28 -7.20 5.48
C PRO A 681 29.63 -5.72 5.52
N MET A 682 29.14 -5.05 6.54
CA MET A 682 29.40 -3.67 6.80
C MET A 682 30.48 -3.60 7.82
N ALA A 683 30.43 -4.50 8.78
CA ALA A 683 31.44 -4.56 9.79
C ALA A 683 32.58 -5.46 9.27
N PRO A 684 33.90 -5.25 9.66
CA PRO A 684 34.13 -4.14 10.59
C PRO A 684 34.75 -2.88 10.01
N ASN A 685 34.80 -2.78 8.68
CA ASN A 685 35.33 -1.62 8.00
C ASN A 685 34.13 -0.78 7.64
N PHE A 686 33.62 -0.10 8.63
CA PHE A 686 32.39 0.68 8.50
C PHE A 686 32.52 1.77 7.45
N ASP A 687 33.58 2.56 7.59
CA ASP A 687 33.82 3.71 6.73
C ASP A 687 34.16 3.39 5.27
N ASP A 688 34.03 2.12 4.88
CA ASP A 688 34.18 1.73 3.49
C ASP A 688 32.91 1.09 2.95
N SER A 689 31.90 1.02 3.80
CA SER A 689 30.57 0.56 3.41
C SER A 689 29.69 1.76 3.04
N ILE A 690 29.24 1.82 1.80
CA ILE A 690 28.37 2.90 1.36
C ILE A 690 27.00 2.80 2.07
N ALA A 691 26.55 1.57 2.32
CA ALA A 691 25.34 1.33 3.12
C ALA A 691 25.48 1.91 4.51
N PHE A 692 26.59 1.60 5.20
CA PHE A 692 26.84 2.12 6.55
C PHE A 692 26.95 3.64 6.61
N LEU A 693 27.58 4.24 5.61
CA LEU A 693 27.74 5.70 5.57
C LEU A 693 26.42 6.38 5.27
N ALA A 694 25.58 5.72 4.48
CA ALA A 694 24.25 6.22 4.17
C ALA A 694 23.37 6.24 5.43
N ALA A 695 23.45 5.15 6.20
CA ALA A 695 22.68 5.03 7.42
C ALA A 695 23.08 6.16 8.36
N GLN A 696 24.38 6.42 8.44
CA GLN A 696 24.90 7.43 9.35
C GLN A 696 24.57 8.84 8.89
N GLU A 697 24.47 9.03 7.58
CA GLU A 697 24.13 10.33 7.04
C GLU A 697 22.66 10.63 7.28
N LEU A 698 21.80 9.66 6.97
CA LEU A 698 20.36 9.70 7.24
C LEU A 698 20.03 10.23 8.65
N ILE A 699 20.85 9.87 9.63
CA ILE A 699 20.66 10.35 11.00
C ILE A 699 21.28 11.72 11.28
N LEU A 700 22.57 11.88 10.98
CA LEU A 700 23.28 13.09 11.36
C LEU A 700 22.86 14.27 10.48
N SER A 701 22.36 13.97 9.28
CA SER A 701 21.85 15.01 8.39
C SER A 701 20.33 15.05 8.37
N GLY A 702 19.69 14.11 9.08
CA GLY A 702 18.24 14.01 9.12
C GLY A 702 17.48 15.31 9.30
N ALA A 703 17.84 16.07 10.33
CA ALA A 703 17.17 17.34 10.64
C ALA A 703 17.20 18.38 9.50
N GLN A 704 18.13 18.20 8.56
CA GLN A 704 18.31 19.18 7.50
C GLN A 704 17.60 18.79 6.21
N GLN A 705 16.99 17.60 6.17
CA GLN A 705 16.33 17.15 4.95
C GLN A 705 14.95 17.77 4.79
N PRO A 706 14.52 18.00 3.55
CA PRO A 706 13.20 18.61 3.34
C PRO A 706 12.08 17.72 3.88
N ASN A 707 11.35 18.23 4.88
CA ASN A 707 10.30 17.46 5.55
C ASN A 707 10.76 16.07 6.01
N GLY A 708 12.04 15.98 6.35
CA GLY A 708 12.63 14.74 6.78
C GLY A 708 12.64 13.61 5.75
N TYR A 709 12.47 13.92 4.47
CA TYR A 709 12.48 12.88 3.44
C TYR A 709 13.87 12.25 3.30
N THR A 710 13.90 10.94 3.00
CA THR A 710 15.16 10.19 3.01
C THR A 710 15.66 9.95 1.60
N GLU A 711 14.77 10.10 0.61
CA GLU A 711 15.11 9.86 -0.80
C GLU A 711 16.35 10.60 -1.33
N PRO A 712 16.50 11.92 -1.05
CA PRO A 712 17.70 12.62 -1.51
C PRO A 712 19.00 11.91 -1.12
N ILE A 713 19.15 11.58 0.15
CA ILE A 713 20.37 10.90 0.59
C ILE A 713 20.44 9.48 0.04
N LEU A 714 19.32 8.76 0.12
CA LEU A 714 19.26 7.37 -0.32
C LEU A 714 19.53 7.21 -1.81
N HIS A 715 18.86 8.04 -2.62
CA HIS A 715 19.01 7.96 -4.06
C HIS A 715 20.45 8.20 -4.45
N ARG A 716 21.08 9.14 -3.75
CA ARG A 716 22.44 9.50 -4.06
C ARG A 716 23.40 8.36 -3.73
N ARG A 717 23.21 7.75 -2.57
CA ARG A 717 24.08 6.66 -2.13
C ARG A 717 23.95 5.39 -2.99
N ARG A 718 22.72 5.07 -3.38
CA ARG A 718 22.50 3.97 -4.30
C ARG A 718 23.21 4.17 -5.65
N ARG A 719 23.10 5.35 -6.25
CA ARG A 719 23.81 5.52 -7.50
C ARG A 719 25.31 5.63 -7.27
N GLU A 720 25.73 5.95 -6.04
CA GLU A 720 27.16 5.86 -5.72
C GLU A 720 27.65 4.41 -5.70
N PHE A 721 26.90 3.54 -5.02
CA PHE A 721 27.20 2.12 -5.01
C PHE A 721 27.20 1.55 -6.44
N LYS A 722 26.18 1.89 -7.22
CA LYS A 722 26.10 1.37 -8.59
C LYS A 722 27.29 1.84 -9.43
N ALA A 723 27.79 3.04 -9.12
CA ALA A 723 28.93 3.61 -9.84
C ALA A 723 30.17 2.78 -9.53
N ARG A 724 30.38 2.49 -8.25
CA ARG A 724 31.52 1.68 -7.82
C ARG A 724 31.45 0.27 -8.38
N ALA A 725 30.24 -0.23 -8.56
CA ALA A 725 30.04 -1.53 -9.17
C ALA A 725 30.52 -1.51 -10.63
N ALA A 726 30.50 -0.33 -11.24
CA ALA A 726 30.81 -0.17 -12.66
C ALA A 726 32.27 0.18 -12.91
N GLU A 727 33.17 -0.48 -12.18
CA GLU A 727 34.61 -0.28 -12.35
C GLU A 727 35.42 -1.33 -11.59
#